data_4IHO
#
_entry.id   4IHO
#
_cell.length_a   90.661
_cell.length_b   146.011
_cell.length_c   187.585
_cell.angle_alpha   90.00
_cell.angle_beta   90.00
_cell.angle_gamma   90.00
#
_symmetry.space_group_name_H-M   'I 2 2 2'
#
loop_
_entity.id
_entity.type
_entity.pdbx_description
1 polymer 'H-2 class I histocompatibility antigen, D-B alpha chain'
2 polymer Beta-2-microglobulin
3 polymer 'NONAMERIC PEPTIDE CHIMERIC GP100'
4 non-polymer GLYCEROL
5 non-polymer 'SULFATE ION'
6 water water
#
loop_
_entity_poly.entity_id
_entity_poly.type
_entity_poly.pdbx_seq_one_letter_code
_entity_poly.pdbx_strand_id
1 'polypeptide(L)'
;GPHSMRYFETAVSRPGLEEPRYISVGYVDNKEFVRFDSDAENPRYEPRAPWMEQEGPEYWERETQKAKGQEQWFRVSLRN
LLGYYNQSAGGSHTLQQMSGCDLGSDWRLLRGYLQFAYEGRDYIALNEDLKTWTAADMAAQITRRKWEQSGAAEHYKAFL
EGECVEWLHRYLKNGNATLLRTDSPKAHVTHHPRSKGEVTLRCWALGFYPADITLTWQLNGEELTQDMELVETRPAGDGT
FQKWASVVVPLGKEQNYTCRVYHEGLPEPLTLRWEP
;
A,D
2 'polypeptide(L)'
;IQKTPQIQVYSRHPPENGKPNILNCYVTQFHPPHIEIQMLKNGKKIPKVEMSDMSFSKDWSFYILAHTEFTPTETDTYAC
RVKHDSMAEPKTVYWDRDM
;
B,E
3 'polypeptide(L)' EGPRNQDWL C,F
#
# COMPACT_ATOMS: atom_id res chain seq x y z
N GLY A 1 26.37 9.57 34.31
CA GLY A 1 25.97 9.82 32.88
C GLY A 1 24.91 10.90 32.71
N PRO A 2 24.46 11.15 31.46
CA PRO A 2 23.41 12.15 31.18
C PRO A 2 22.01 11.66 31.62
N HIS A 3 21.80 11.59 32.93
CA HIS A 3 20.57 11.07 33.52
C HIS A 3 19.38 11.99 33.26
N SER A 4 18.21 11.39 33.03
CA SER A 4 16.99 12.14 32.69
C SER A 4 15.70 11.54 33.24
N MET A 5 14.72 12.40 33.46
CA MET A 5 13.38 11.96 33.76
C MET A 5 12.39 12.65 32.82
N ARG A 6 11.40 11.90 32.36
CA ARG A 6 10.37 12.45 31.49
C ARG A 6 9.01 11.85 31.77
N TYR A 7 7.96 12.66 31.69
CA TYR A 7 6.61 12.11 31.69
C TYR A 7 5.91 12.49 30.40
N PHE A 8 5.51 11.48 29.63
CA PHE A 8 4.76 11.71 28.40
C PHE A 8 3.25 11.58 28.59
N GLU A 9 2.57 12.71 28.63
CA GLU A 9 1.14 12.74 28.88
C GLU A 9 0.37 12.86 27.55
N THR A 10 -0.60 11.97 27.33
CA THR A 10 -1.43 12.04 26.10
C THR A 10 -2.92 12.04 26.33
N ALA A 11 -3.60 12.97 25.67
CA ALA A 11 -5.07 12.95 25.65
C ALA A 11 -5.62 12.82 24.23
N VAL A 12 -6.41 11.76 24.05
CA VAL A 12 -7.07 11.46 22.78
C VAL A 12 -8.59 11.50 22.90
N SER A 13 -9.26 12.21 22.00
CA SER A 13 -10.70 12.00 21.82
C SER A 13 -10.94 11.49 20.42
N ARG A 14 -11.88 10.56 20.29
CA ARG A 14 -12.29 10.08 18.98
C ARG A 14 -13.78 10.39 18.76
N PRO A 15 -14.25 10.30 17.49
CA PRO A 15 -15.69 10.41 17.23
C PRO A 15 -16.46 9.31 17.95
N GLY A 16 -17.67 9.62 18.42
CA GLY A 16 -18.38 8.76 19.33
C GLY A 16 -18.41 9.46 20.67
N LEU A 17 -18.12 10.75 20.62
CA LEU A 17 -18.37 11.65 21.72
C LEU A 17 -17.72 11.20 23.02
N GLU A 18 -18.45 11.37 24.13
CA GLU A 18 -17.99 10.98 25.45
C GLU A 18 -16.72 11.68 25.89
N GLU A 19 -15.79 10.97 26.48
CA GLU A 19 -14.65 11.61 27.06
C GLU A 19 -13.36 11.14 26.48
N PRO A 20 -12.40 12.05 26.37
CA PRO A 20 -11.07 11.75 25.91
C PRO A 20 -10.41 10.64 26.72
N ARG A 21 -9.61 9.83 26.06
CA ARG A 21 -8.71 8.91 26.76
C ARG A 21 -7.42 9.65 27.26
N TYR A 22 -7.07 9.37 28.51
CA TYR A 22 -5.85 9.94 29.09
C TYR A 22 -4.84 8.86 29.44
N ILE A 23 -3.80 8.75 28.61
CA ILE A 23 -2.60 7.96 28.95
C ILE A 23 -1.48 8.84 29.52
N SER A 24 -0.86 8.40 30.59
CA SER A 24 0.41 9.04 31.00
C SER A 24 1.53 8.09 31.33
N VAL A 25 2.62 8.21 30.58
CA VAL A 25 3.79 7.33 30.80
C VAL A 25 4.96 8.07 31.41
N GLY A 26 5.69 7.41 32.29
CA GLY A 26 6.91 8.04 32.88
C GLY A 26 8.19 7.27 32.68
N TYR A 27 9.28 7.98 32.42
CA TYR A 27 10.55 7.35 32.02
C TYR A 27 11.66 7.85 32.87
N VAL A 28 12.48 6.94 33.38
CA VAL A 28 13.74 7.33 33.99
C VAL A 28 14.86 6.80 33.09
N ASP A 29 15.79 7.67 32.72
CA ASP A 29 16.92 7.24 31.91
C ASP A 29 16.40 6.52 30.66
N ASN A 30 15.31 7.04 30.10
CA ASN A 30 14.71 6.52 28.86
C ASN A 30 14.13 5.12 28.96
N LYS A 31 13.84 4.68 30.18
CA LYS A 31 13.19 3.39 30.38
C LYS A 31 11.90 3.64 31.12
N GLU A 32 10.82 3.11 30.55
CA GLU A 32 9.47 3.25 31.09
C GLU A 32 9.49 2.72 32.49
N PHE A 33 8.99 3.49 33.47
CA PHE A 33 8.94 2.99 34.85
C PHE A 33 7.55 3.09 35.52
N VAL A 34 6.74 4.07 35.12
CA VAL A 34 5.36 4.13 35.63
C VAL A 34 4.39 4.33 34.49
N ARG A 35 3.13 4.03 34.72
CA ARG A 35 2.13 4.11 33.66
C ARG A 35 0.71 4.24 34.18
N PHE A 36 -0.05 5.18 33.63
CA PHE A 36 -1.47 5.40 33.93
C PHE A 36 -2.29 5.38 32.65
N ASP A 37 -3.47 4.73 32.71
CA ASP A 37 -4.43 4.72 31.57
C ASP A 37 -5.93 4.62 31.93
N SER A 38 -6.68 5.66 31.57
CA SER A 38 -8.12 5.77 31.86
C SER A 38 -9.02 4.64 31.34
N ASP A 39 -8.52 3.77 30.48
CA ASP A 39 -9.35 2.76 29.83
C ASP A 39 -9.62 1.61 30.76
N ALA A 40 -8.66 1.37 31.66
CA ALA A 40 -8.69 0.21 32.54
C ALA A 40 -9.93 0.20 33.45
N GLU A 41 -10.33 -0.98 33.91
CA GLU A 41 -11.44 -1.11 34.88
C GLU A 41 -11.13 -0.31 36.14
N ASN A 42 -9.95 -0.55 36.70
CA ASN A 42 -9.47 0.17 37.88
C ASN A 42 -8.18 1.01 37.59
N PRO A 43 -8.37 2.24 37.10
CA PRO A 43 -7.30 3.02 36.50
C PRO A 43 -6.32 3.54 37.54
N ARG A 44 -5.25 2.81 37.76
CA ARG A 44 -4.22 3.17 38.73
C ARG A 44 -2.96 3.54 37.98
N TYR A 45 -2.02 4.22 38.63
CA TYR A 45 -0.62 4.12 38.21
C TYR A 45 -0.09 2.77 38.60
N GLU A 46 0.49 2.04 37.64
CA GLU A 46 1.11 0.71 37.89
C GLU A 46 2.61 0.84 37.74
N PRO A 47 3.39 0.01 38.47
CA PRO A 47 4.84 0.03 38.30
C PRO A 47 5.31 -0.73 37.06
N ARG A 48 6.35 -0.24 36.40
CA ARG A 48 6.72 -0.78 35.11
C ARG A 48 8.09 -1.39 35.08
N ALA A 49 8.81 -1.33 36.20
CA ALA A 49 10.24 -1.70 36.26
C ALA A 49 10.55 -2.21 37.65
N PRO A 50 10.83 -3.51 37.78
CA PRO A 50 10.68 -4.15 39.08
C PRO A 50 11.14 -3.35 40.31
N TRP A 51 12.07 -2.41 40.13
CA TRP A 51 12.59 -1.61 41.24
C TRP A 51 11.60 -0.57 41.75
N MET A 52 10.54 -0.33 40.99
CA MET A 52 9.46 0.53 41.46
C MET A 52 8.57 -0.18 42.49
N GLU A 53 8.66 -1.48 42.62
CA GLU A 53 7.74 -2.20 43.45
C GLU A 53 8.05 -1.98 44.91
N GLN A 54 9.05 -1.16 45.17
CA GLN A 54 9.51 -0.83 46.52
C GLN A 54 8.84 0.42 47.06
N GLU A 55 7.69 0.79 46.48
CA GLU A 55 6.97 2.02 46.81
C GLU A 55 5.61 1.71 47.42
N GLY A 56 5.33 2.36 48.54
CA GLY A 56 4.14 2.08 49.34
C GLY A 56 2.84 2.43 48.65
N PRO A 57 1.73 1.90 49.13
CA PRO A 57 0.46 2.09 48.43
C PRO A 57 0.23 3.59 48.34
N GLU A 58 0.64 4.31 49.38
CA GLU A 58 0.34 5.72 49.50
C GLU A 58 1.04 6.53 48.41
N TYR A 59 2.05 5.93 47.79
CA TYR A 59 2.70 6.58 46.67
C TYR A 59 1.80 6.39 45.49
N TRP A 60 1.40 5.16 45.24
CA TRP A 60 0.46 4.86 44.15
C TRP A 60 -0.89 5.58 44.30
N GLU A 61 -1.37 5.73 45.54
CA GLU A 61 -2.57 6.53 45.85
C GLU A 61 -2.47 7.97 45.35
N ARG A 62 -1.35 8.61 45.70
CA ARG A 62 -1.14 10.05 45.55
C ARG A 62 -0.89 10.40 44.08
N GLU A 63 -0.27 9.50 43.34
CA GLU A 63 -0.04 9.74 41.92
C GLU A 63 -1.26 9.38 41.10
N THR A 64 -2.03 8.35 41.52
CA THR A 64 -3.32 8.13 40.88
C THR A 64 -4.22 9.36 41.01
N GLN A 65 -4.19 10.01 42.16
CA GLN A 65 -4.98 11.23 42.28
C GLN A 65 -4.44 12.26 41.28
N LYS A 66 -3.12 12.50 41.35
CA LYS A 66 -2.46 13.54 40.58
C LYS A 66 -2.79 13.36 39.12
N ALA A 67 -2.65 12.15 38.61
CA ALA A 67 -3.05 11.84 37.24
C ALA A 67 -4.54 12.06 36.97
N LYS A 68 -5.41 11.70 37.91
CA LYS A 68 -6.85 11.92 37.70
C LYS A 68 -7.16 13.41 37.59
N GLY A 69 -6.23 14.23 38.12
CA GLY A 69 -6.28 15.69 38.00
C GLY A 69 -5.83 16.16 36.62
N GLN A 70 -5.03 15.37 35.93
CA GLN A 70 -4.60 15.82 34.62
C GLN A 70 -5.64 15.36 33.63
N GLU A 71 -6.17 14.15 33.84
CA GLU A 71 -7.26 13.72 32.99
C GLU A 71 -8.22 14.85 32.98
N GLN A 72 -8.48 15.42 34.15
CA GLN A 72 -9.31 16.61 34.21
C GLN A 72 -8.80 17.76 33.36
N TRP A 73 -7.54 18.17 33.60
CA TRP A 73 -6.90 19.37 33.04
C TRP A 73 -6.86 19.27 31.55
N PHE A 74 -6.57 18.07 31.08
CA PHE A 74 -6.57 17.78 29.64
C PHE A 74 -7.95 17.81 28.98
N ARG A 75 -8.97 17.25 29.64
N ARG A 75 -8.97 17.25 29.64
CA ARG A 75 -10.36 17.27 29.12
CA ARG A 75 -10.34 17.25 29.08
C ARG A 75 -10.72 18.69 28.71
C ARG A 75 -10.76 18.69 28.73
N VAL A 76 -10.39 19.67 29.58
CA VAL A 76 -10.73 21.08 29.34
C VAL A 76 -9.93 21.60 28.20
N SER A 77 -8.62 21.56 28.33
CA SER A 77 -7.67 22.33 27.47
C SER A 77 -7.78 21.94 25.99
N LEU A 78 -8.18 20.69 25.78
CA LEU A 78 -8.66 20.16 24.49
C LEU A 78 -9.93 20.85 24.00
N ARG A 79 -10.86 21.15 24.90
CA ARG A 79 -12.13 21.77 24.50
C ARG A 79 -11.85 23.21 24.07
N ASN A 80 -10.89 23.86 24.72
CA ASN A 80 -10.55 25.25 24.34
C ASN A 80 -9.89 25.26 22.96
N LEU A 81 -9.27 24.13 22.65
CA LEU A 81 -8.47 24.04 21.44
C LEU A 81 -9.36 23.93 20.29
N LEU A 82 -10.42 23.15 20.43
CA LEU A 82 -11.45 23.05 19.41
C LEU A 82 -12.04 24.43 19.19
N GLY A 83 -12.26 25.15 20.28
CA GLY A 83 -12.64 26.56 20.19
C GLY A 83 -11.73 27.34 19.30
N TYR A 84 -10.46 27.47 19.67
CA TYR A 84 -9.56 28.43 19.03
C TYR A 84 -9.47 28.18 17.54
N TYR A 85 -9.20 26.95 17.18
CA TYR A 85 -9.05 26.61 15.80
C TYR A 85 -10.37 26.36 15.16
N ASN A 86 -11.46 26.71 15.74
CA ASN A 86 -12.77 26.77 15.10
C ASN A 86 -13.09 25.44 14.36
N GLN A 87 -13.05 24.30 15.12
CA GLN A 87 -13.12 23.05 14.41
C GLN A 87 -14.44 22.37 14.63
N SER A 88 -14.88 21.63 13.64
CA SER A 88 -16.14 20.88 13.64
C SER A 88 -16.01 19.54 14.38
N ALA A 89 -16.76 19.42 15.48
CA ALA A 89 -16.66 18.29 16.43
C ALA A 89 -16.99 16.91 15.85
N GLY A 90 -16.80 15.87 16.65
CA GLY A 90 -16.98 14.49 16.20
C GLY A 90 -15.88 14.02 15.27
N GLY A 91 -14.68 14.56 15.44
CA GLY A 91 -13.47 14.08 14.77
C GLY A 91 -12.46 13.66 15.82
N SER A 92 -11.35 13.06 15.38
CA SER A 92 -10.27 12.67 16.28
C SER A 92 -9.39 13.87 16.63
N HIS A 93 -9.05 14.02 17.90
CA HIS A 93 -8.11 15.07 18.27
C HIS A 93 -7.10 14.60 19.28
N THR A 94 -5.87 15.10 19.17
CA THR A 94 -4.78 14.64 20.01
C THR A 94 -4.10 15.78 20.71
N LEU A 95 -3.77 15.56 21.97
CA LEU A 95 -3.05 16.52 22.80
C LEU A 95 -2.02 15.81 23.64
N GLN A 96 -0.84 16.39 23.67
CA GLN A 96 0.38 15.69 24.08
C GLN A 96 1.21 16.62 24.88
N GLN A 97 1.76 16.10 25.96
CA GLN A 97 2.69 16.89 26.77
C GLN A 97 3.94 16.12 27.07
N MET A 98 5.06 16.82 26.99
CA MET A 98 6.35 16.27 27.40
C MET A 98 6.92 17.12 28.52
N SER A 99 7.06 16.50 29.69
CA SER A 99 7.54 17.18 30.88
C SER A 99 8.70 16.44 31.53
N GLY A 100 9.64 17.17 32.12
CA GLY A 100 10.82 16.50 32.66
C GLY A 100 12.11 17.28 32.62
N CYS A 101 13.21 16.62 32.96
CA CYS A 101 14.43 17.32 33.34
C CYS A 101 15.71 16.52 33.08
N ASP A 102 16.84 17.23 32.98
CA ASP A 102 18.13 16.63 32.65
C ASP A 102 19.16 16.79 33.76
N LEU A 103 19.83 15.71 34.13
CA LEU A 103 20.84 15.75 35.20
C LEU A 103 22.28 15.53 34.78
N GLY A 104 23.15 16.42 35.26
CA GLY A 104 24.59 16.31 35.04
C GLY A 104 25.18 15.11 35.74
N SER A 105 26.49 14.93 35.57
CA SER A 105 27.23 13.88 36.25
C SER A 105 27.39 14.19 37.73
N ASP A 106 27.26 15.47 38.10
CA ASP A 106 27.27 15.92 39.50
C ASP A 106 25.85 16.00 40.09
N TRP A 107 24.90 15.34 39.42
CA TRP A 107 23.47 15.41 39.75
C TRP A 107 23.00 16.89 39.75
N ARG A 108 23.74 17.69 38.97
CA ARG A 108 23.38 19.07 38.62
C ARG A 108 22.19 19.06 37.68
N LEU A 109 21.24 19.97 37.89
CA LEU A 109 20.18 20.16 36.90
C LEU A 109 20.73 20.96 35.72
N LEU A 110 20.70 20.36 34.54
CA LEU A 110 21.18 21.01 33.32
C LEU A 110 20.09 21.77 32.61
N ARG A 111 19.04 21.04 32.25
CA ARG A 111 17.93 21.63 31.53
C ARG A 111 16.63 20.98 31.98
N GLY A 112 15.55 21.75 31.87
CA GLY A 112 14.20 21.24 32.08
C GLY A 112 13.41 21.34 30.79
N TYR A 113 12.36 20.54 30.68
CA TYR A 113 11.59 20.50 29.45
C TYR A 113 10.12 20.52 29.79
N LEU A 114 9.39 21.37 29.08
CA LEU A 114 7.95 21.39 29.18
C LEU A 114 7.43 21.85 27.84
N GLN A 115 6.68 20.96 27.17
CA GLN A 115 6.19 21.23 25.83
C GLN A 115 4.80 20.67 25.60
N PHE A 116 4.20 21.04 24.48
CA PHE A 116 2.85 20.63 24.16
C PHE A 116 2.68 20.56 22.66
N ALA A 117 2.00 19.51 22.21
CA ALA A 117 1.64 19.44 20.82
C ALA A 117 0.11 19.32 20.71
N TYR A 118 -0.41 19.84 19.61
CA TYR A 118 -1.79 19.61 19.24
C TYR A 118 -1.79 19.08 17.83
N GLU A 119 -2.64 18.08 17.61
CA GLU A 119 -2.71 17.41 16.31
C GLU A 119 -1.34 17.01 15.87
N GLY A 120 -0.49 16.71 16.85
CA GLY A 120 0.87 16.23 16.60
C GLY A 120 1.83 17.28 16.10
N ARG A 121 1.46 18.54 16.28
CA ARG A 121 2.28 19.65 15.88
C ARG A 121 2.60 20.52 17.10
N ASP A 122 3.80 21.07 17.17
CA ASP A 122 4.18 21.81 18.37
C ASP A 122 3.21 22.96 18.60
N TYR A 123 2.75 23.11 19.83
CA TYR A 123 1.80 24.16 20.18
C TYR A 123 2.39 25.28 21.05
N ILE A 124 3.13 24.89 22.09
CA ILE A 124 3.69 25.87 23.01
C ILE A 124 4.78 25.21 23.83
N ALA A 125 5.84 25.94 24.15
CA ALA A 125 6.95 25.33 24.85
C ALA A 125 7.62 26.32 25.75
N LEU A 126 8.01 25.86 26.93
CA LEU A 126 8.81 26.71 27.80
C LEU A 126 10.24 26.75 27.28
N ASN A 127 10.79 27.94 27.18
CA ASN A 127 12.17 28.07 26.76
C ASN A 127 13.15 27.63 27.83
N GLU A 128 14.43 27.49 27.46
CA GLU A 128 15.44 26.99 28.38
C GLU A 128 15.69 27.95 29.52
N ASP A 129 15.51 29.25 29.25
CA ASP A 129 15.59 30.27 30.29
C ASP A 129 14.63 29.97 31.47
N LEU A 130 13.56 29.22 31.16
CA LEU A 130 12.51 28.80 32.10
C LEU A 130 11.63 29.96 32.54
N LYS A 131 11.65 31.02 31.75
CA LYS A 131 10.83 32.21 32.02
C LYS A 131 9.87 32.62 30.90
N THR A 132 10.19 32.23 29.66
CA THR A 132 9.40 32.67 28.52
C THR A 132 8.87 31.51 27.72
N TRP A 133 7.76 31.76 27.03
CA TRP A 133 7.11 30.78 26.19
C TRP A 133 7.34 31.04 24.69
N THR A 134 7.79 30.00 23.98
CA THR A 134 7.79 29.97 22.51
C THR A 134 6.44 29.42 22.03
N ALA A 135 5.73 30.20 21.23
CA ALA A 135 4.40 29.83 20.81
C ALA A 135 4.25 29.95 19.31
N ALA A 136 4.15 28.81 18.66
CA ALA A 136 4.00 28.80 17.21
C ALA A 136 2.51 28.85 16.83
N ASP A 137 2.15 29.88 16.09
CA ASP A 137 0.79 30.11 15.58
C ASP A 137 -0.04 30.96 16.54
N MET A 138 -1.16 31.48 16.02
CA MET A 138 -2.02 32.47 16.70
C MET A 138 -2.73 31.97 17.95
N ALA A 139 -3.32 30.77 17.88
CA ALA A 139 -4.02 30.16 19.01
C ALA A 139 -3.07 29.88 20.17
N ALA A 140 -1.79 29.68 19.84
CA ALA A 140 -0.74 29.48 20.83
C ALA A 140 -0.41 30.78 21.55
N GLN A 141 -0.59 31.90 20.86
CA GLN A 141 -0.39 33.22 21.46
C GLN A 141 -1.43 33.52 22.54
N ILE A 142 -2.71 33.25 22.24
CA ILE A 142 -3.81 33.35 23.20
C ILE A 142 -3.36 32.71 24.50
N THR A 143 -2.95 31.46 24.42
CA THR A 143 -2.48 30.72 25.58
C THR A 143 -1.29 31.46 26.23
N ARG A 144 -0.37 32.00 25.43
CA ARG A 144 0.79 32.67 25.98
C ARG A 144 0.44 33.95 26.74
N ARG A 145 -0.63 34.61 26.34
CA ARG A 145 -1.12 35.78 27.10
C ARG A 145 -1.52 35.34 28.49
N LYS A 146 -2.46 34.38 28.56
CA LYS A 146 -2.99 33.84 29.81
C LYS A 146 -1.89 33.43 30.78
N TRP A 147 -0.93 32.67 30.28
CA TRP A 147 0.10 32.05 31.12
C TRP A 147 1.15 33.03 31.62
N GLU A 148 1.34 34.13 30.92
CA GLU A 148 2.22 35.19 31.41
C GLU A 148 1.46 35.97 32.48
N GLN A 149 0.16 36.14 32.26
CA GLN A 149 -0.72 36.78 33.20
C GLN A 149 -0.77 35.97 34.50
N SER A 150 -0.86 34.64 34.39
CA SER A 150 -1.08 33.78 35.56
C SER A 150 0.21 33.20 36.18
N GLY A 151 1.36 33.71 35.75
CA GLY A 151 2.64 33.27 36.28
C GLY A 151 2.81 31.77 36.14
N ALA A 152 2.27 31.21 35.07
CA ALA A 152 2.35 29.78 34.85
C ALA A 152 3.80 29.34 34.70
N ALA A 153 4.65 30.22 34.18
CA ALA A 153 6.06 29.88 33.99
C ALA A 153 6.87 29.73 35.29
N GLU A 154 6.41 30.39 36.36
CA GLU A 154 6.99 30.25 37.71
C GLU A 154 6.61 28.91 38.34
N HIS A 155 5.37 28.51 38.06
CA HIS A 155 4.78 27.30 38.57
C HIS A 155 5.51 26.03 38.10
N TYR A 156 5.93 26.01 36.85
CA TYR A 156 6.63 24.86 36.33
C TYR A 156 8.09 24.96 36.67
N LYS A 157 8.67 26.13 36.43
CA LYS A 157 10.04 26.45 36.85
C LYS A 157 10.34 25.95 38.26
N ALA A 158 9.29 25.80 39.06
CA ALA A 158 9.40 25.31 40.44
C ALA A 158 9.44 23.78 40.43
N PHE A 159 8.53 23.16 39.67
CA PHE A 159 8.51 21.69 39.52
C PHE A 159 9.83 21.12 38.98
N LEU A 160 10.35 21.72 37.93
CA LEU A 160 11.56 21.25 37.28
C LEU A 160 12.81 21.43 38.18
N GLU A 161 12.88 22.53 38.91
CA GLU A 161 14.04 22.79 39.76
C GLU A 161 13.94 22.02 41.07
N GLY A 162 12.74 21.94 41.62
CA GLY A 162 12.53 21.30 42.91
C GLY A 162 12.25 19.83 42.77
N GLU A 163 10.96 19.50 42.66
CA GLU A 163 10.46 18.13 42.76
C GLU A 163 10.93 17.15 41.69
N CYS A 164 11.14 17.62 40.45
CA CYS A 164 11.72 16.74 39.43
C CYS A 164 13.03 16.17 39.92
N VAL A 165 14.00 17.06 40.09
CA VAL A 165 15.36 16.70 40.51
C VAL A 165 15.30 15.79 41.73
N GLU A 166 14.53 16.22 42.73
CA GLU A 166 14.37 15.44 43.95
C GLU A 166 13.97 13.99 43.68
N TRP A 167 12.88 13.76 42.94
CA TRP A 167 12.39 12.39 42.72
C TRP A 167 13.25 11.59 41.77
N LEU A 168 13.93 12.28 40.86
CA LEU A 168 14.95 11.64 40.04
C LEU A 168 16.07 11.06 40.91
N HIS A 169 16.60 11.85 41.85
CA HIS A 169 17.63 11.34 42.78
C HIS A 169 17.22 9.97 43.30
N ARG A 170 15.99 9.92 43.80
CA ARG A 170 15.47 8.76 44.50
C ARG A 170 15.24 7.58 43.56
N TYR A 171 14.71 7.84 42.37
CA TYR A 171 14.48 6.76 41.43
C TYR A 171 15.79 6.12 41.03
N LEU A 172 16.84 6.94 40.98
CA LEU A 172 18.18 6.43 40.71
C LEU A 172 18.75 5.59 41.85
N LYS A 173 18.50 6.02 43.09
CA LYS A 173 18.86 5.19 44.24
C LYS A 173 18.20 3.82 44.13
N ASN A 174 16.88 3.80 43.97
CA ASN A 174 16.11 2.56 43.76
C ASN A 174 16.66 1.69 42.64
N GLY A 175 16.97 2.30 41.49
CA GLY A 175 17.59 1.56 40.39
C GLY A 175 19.10 1.54 40.54
N ASN A 176 19.68 0.62 41.30
CA ASN A 176 21.15 0.66 41.40
C ASN A 176 21.97 0.14 40.21
N ALA A 177 21.77 -1.11 39.80
CA ALA A 177 22.03 -1.53 38.42
C ALA A 177 20.68 -1.77 37.78
N THR A 178 19.76 -2.31 38.59
CA THR A 178 18.40 -2.68 38.18
C THR A 178 17.67 -1.59 37.39
N LEU A 180 22.03 0.25 35.43
CA LEU A 180 22.92 0.45 34.28
C LEU A 180 23.22 -0.83 33.49
N ARG A 181 22.45 -1.88 33.73
CA ARG A 181 22.74 -3.15 33.12
C ARG A 181 22.72 -3.02 31.60
N THR A 182 23.73 -3.60 30.97
CA THR A 182 23.88 -3.58 29.51
C THR A 182 23.91 -4.99 28.94
N ASP A 183 23.66 -5.10 27.63
CA ASP A 183 23.84 -6.34 26.89
C ASP A 183 24.68 -6.06 25.65
N SER A 184 25.85 -6.68 25.56
CA SER A 184 26.73 -6.53 24.40
C SER A 184 26.04 -6.96 23.10
N PRO A 185 26.38 -6.34 21.95
CA PRO A 185 25.80 -6.77 20.66
C PRO A 185 26.48 -7.99 20.06
N LYS A 186 25.70 -8.81 19.36
CA LYS A 186 26.19 -10.05 18.74
C LYS A 186 26.13 -9.91 17.21
N ALA A 187 27.29 -9.92 16.59
CA ALA A 187 27.40 -9.55 15.17
C ALA A 187 27.91 -10.65 14.25
N HIS A 188 27.14 -10.91 13.20
CA HIS A 188 27.62 -11.70 12.09
C HIS A 188 27.55 -10.89 10.79
N VAL A 189 28.15 -11.41 9.72
CA VAL A 189 28.14 -10.75 8.40
C VAL A 189 27.64 -11.75 7.34
N THR A 190 26.54 -11.43 6.68
CA THR A 190 25.89 -12.38 5.77
C THR A 190 26.15 -12.06 4.30
N HIS A 191 26.08 -13.08 3.46
CA HIS A 191 26.35 -12.94 2.03
C HIS A 191 25.14 -13.27 1.14
N HIS A 192 24.56 -12.22 0.56
CA HIS A 192 23.40 -12.33 -0.34
C HIS A 192 23.78 -11.76 -1.72
N PRO A 193 24.12 -12.64 -2.67
CA PRO A 193 24.46 -12.19 -4.03
C PRO A 193 23.42 -11.32 -4.77
N ARG A 194 23.92 -10.47 -5.68
CA ARG A 194 23.12 -9.55 -6.50
C ARG A 194 23.43 -9.73 -8.01
N SER A 195 22.48 -9.39 -8.88
CA SER A 195 22.63 -9.55 -10.34
C SER A 195 23.84 -8.78 -10.92
N LYS A 196 24.29 -9.25 -12.09
CA LYS A 196 25.41 -8.71 -12.88
C LYS A 196 26.83 -8.61 -12.30
N GLY A 197 27.34 -9.73 -11.77
CA GLY A 197 28.67 -9.84 -11.17
C GLY A 197 28.84 -9.02 -9.90
N GLU A 198 27.82 -9.08 -9.04
CA GLU A 198 27.76 -8.27 -7.82
C GLU A 198 27.22 -9.05 -6.62
N VAL A 199 27.42 -8.49 -5.42
CA VAL A 199 26.94 -9.07 -4.16
C VAL A 199 26.55 -7.96 -3.18
N THR A 200 25.91 -8.33 -2.07
CA THR A 200 25.56 -7.38 -1.02
C THR A 200 26.26 -7.78 0.26
N LEU A 201 26.65 -6.79 1.06
CA LEU A 201 27.27 -7.06 2.35
C LEU A 201 26.42 -6.50 3.49
N ARG A 202 25.65 -7.38 4.11
CA ARG A 202 24.75 -7.04 5.22
C ARG A 202 25.42 -7.37 6.53
N CYS A 203 25.50 -6.39 7.42
CA CYS A 203 26.15 -6.58 8.70
C CYS A 203 25.12 -6.46 9.81
N TRP A 204 24.77 -7.59 10.44
CA TRP A 204 23.74 -7.62 11.48
C TRP A 204 24.35 -7.54 12.87
N ALA A 205 23.68 -6.81 13.76
CA ALA A 205 24.05 -6.73 15.17
C ALA A 205 22.86 -7.12 16.04
N LEU A 206 23.04 -8.14 16.89
CA LEU A 206 21.91 -8.72 17.59
C LEU A 206 22.01 -8.73 19.11
N GLY A 207 20.84 -8.70 19.75
CA GLY A 207 20.73 -8.96 21.19
C GLY A 207 21.00 -7.79 22.11
N PHE A 208 21.43 -6.68 21.53
CA PHE A 208 22.01 -5.55 22.31
C PHE A 208 21.06 -4.66 23.10
N TYR A 209 21.64 -3.93 24.04
CA TYR A 209 20.95 -2.95 24.88
C TYR A 209 21.99 -2.03 25.53
N PRO A 210 21.77 -0.71 25.45
CA PRO A 210 20.60 -0.03 24.85
C PRO A 210 20.70 0.10 23.33
N ALA A 211 19.72 0.77 22.74
CA ALA A 211 19.59 0.88 21.29
C ALA A 211 20.67 1.71 20.55
N ASP A 212 21.51 2.40 21.31
CA ASP A 212 22.55 3.26 20.74
C ASP A 212 23.55 2.44 19.96
N ILE A 213 23.58 2.63 18.66
CA ILE A 213 24.42 1.79 17.84
C ILE A 213 24.87 2.48 16.55
N THR A 214 26.16 2.30 16.22
CA THR A 214 26.69 2.82 14.99
C THR A 214 27.24 1.66 14.18
N LEU A 215 26.81 1.55 12.93
CA LEU A 215 27.29 0.49 12.06
C LEU A 215 28.15 1.09 10.98
N THR A 216 29.41 0.67 10.92
CA THR A 216 30.32 1.20 9.92
C THR A 216 31.17 0.24 9.10
N TRP A 217 30.92 0.22 7.79
CA TRP A 217 31.63 -0.70 6.92
C TRP A 217 32.51 -0.02 5.88
N GLN A 218 33.74 -0.47 5.73
CA GLN A 218 34.65 0.07 4.74
C GLN A 218 36.08 -0.45 4.91
N GLU A 222 38.85 2.72 2.75
CA GLU A 222 38.29 2.88 4.10
C GLU A 222 37.39 4.11 4.20
N GLU A 223 36.50 4.08 5.20
CA GLU A 223 35.68 5.23 5.65
C GLU A 223 34.60 5.77 4.68
N LEU A 224 34.05 4.92 3.82
CA LEU A 224 32.99 5.35 2.91
C LEU A 224 31.60 4.83 3.31
N THR A 225 30.65 5.75 3.44
CA THR A 225 29.25 5.41 3.71
C THR A 225 28.29 5.87 2.60
N GLN A 226 28.85 6.33 1.49
CA GLN A 226 28.08 6.99 0.43
C GLN A 226 26.99 6.11 -0.17
N ASP A 227 27.40 4.96 -0.72
CA ASP A 227 26.46 4.06 -1.40
C ASP A 227 25.63 3.21 -0.44
N MET A 228 26.10 3.07 0.79
CA MET A 228 25.50 2.15 1.77
C MET A 228 24.07 2.53 2.19
N GLU A 229 23.33 1.53 2.68
CA GLU A 229 21.93 1.69 3.05
C GLU A 229 21.61 0.86 4.31
N LEU A 230 21.11 1.50 5.35
CA LEU A 230 20.84 0.82 6.64
C LEU A 230 19.39 0.97 7.12
N VAL A 231 19.03 0.23 8.17
CA VAL A 231 17.64 0.21 8.69
C VAL A 231 17.44 0.76 10.11
N GLU A 232 16.18 1.16 10.35
CA GLU A 232 15.74 1.68 11.62
C GLU A 232 16.01 0.68 12.71
N THR A 233 16.66 1.14 13.78
CA THR A 233 16.88 0.33 14.99
C THR A 233 15.52 -0.15 15.49
N ARG A 234 15.47 -1.39 15.95
CA ARG A 234 14.20 -2.05 16.25
C ARG A 234 14.30 -3.00 17.41
N PRO A 235 13.24 -3.08 18.24
CA PRO A 235 13.27 -3.97 19.39
C PRO A 235 13.21 -5.43 18.94
N ALA A 236 13.87 -6.31 19.69
CA ALA A 236 13.73 -7.73 19.43
C ALA A 236 12.35 -8.19 19.90
N GLY A 237 12.00 -7.81 21.12
CA GLY A 237 10.74 -8.17 21.75
C GLY A 237 10.91 -8.63 23.18
N ASP A 238 12.16 -8.80 23.59
CA ASP A 238 12.51 -9.43 24.87
C ASP A 238 13.20 -8.47 25.81
N GLY A 239 13.42 -7.26 25.31
CA GLY A 239 14.26 -6.28 25.98
C GLY A 239 15.32 -5.78 25.03
N THR A 240 15.86 -6.70 24.23
CA THR A 240 17.00 -6.41 23.39
C THR A 240 16.57 -5.74 22.10
N PHE A 241 17.56 -5.43 21.25
CA PHE A 241 17.37 -4.67 20.00
C PHE A 241 18.11 -5.28 18.81
N GLN A 242 17.84 -4.75 17.61
CA GLN A 242 18.46 -5.19 16.37
C GLN A 242 18.71 -3.99 15.45
N LYS A 243 19.69 -4.05 14.56
CA LYS A 243 19.71 -3.32 13.29
C LYS A 243 20.72 -3.87 12.34
N TRP A 244 20.62 -3.49 11.09
CA TRP A 244 21.57 -3.95 10.05
C TRP A 244 21.98 -2.91 9.02
N ALA A 245 23.22 -3.05 8.50
CA ALA A 245 23.77 -2.12 7.52
C ALA A 245 24.33 -2.84 6.31
N SER A 246 23.81 -2.51 5.13
CA SER A 246 24.21 -3.18 3.89
C SER A 246 24.99 -2.27 2.96
N VAL A 247 25.62 -2.88 1.95
CA VAL A 247 26.36 -2.16 0.91
C VAL A 247 26.50 -3.05 -0.34
N VAL A 248 26.48 -2.45 -1.53
CA VAL A 248 26.62 -3.23 -2.79
C VAL A 248 28.07 -3.27 -3.28
N VAL A 249 28.52 -4.46 -3.69
CA VAL A 249 29.93 -4.76 -3.99
C VAL A 249 30.02 -5.55 -5.31
N PRO A 250 31.14 -5.42 -6.06
CA PRO A 250 31.34 -6.31 -7.23
C PRO A 250 31.76 -7.74 -6.81
N LEU A 251 31.16 -8.73 -7.47
CA LEU A 251 31.37 -10.13 -7.13
C LEU A 251 32.85 -10.48 -7.06
N GLY A 252 33.24 -11.15 -5.99
CA GLY A 252 34.62 -11.58 -5.80
C GLY A 252 35.56 -10.49 -5.35
N LYS A 253 35.07 -9.26 -5.23
CA LYS A 253 35.89 -8.14 -4.78
C LYS A 253 35.74 -7.93 -3.27
N GLU A 254 35.06 -8.87 -2.64
CA GLU A 254 34.47 -8.71 -1.31
C GLU A 254 35.43 -8.42 -0.16
N GLN A 255 36.61 -9.06 -0.18
CA GLN A 255 37.50 -9.09 1.01
C GLN A 255 37.94 -7.78 1.68
N ASN A 256 38.03 -6.72 0.90
CA ASN A 256 38.55 -5.42 1.40
C ASN A 256 37.66 -4.70 2.45
N TYR A 257 36.42 -5.13 2.58
CA TYR A 257 35.43 -4.45 3.43
C TYR A 257 35.43 -4.95 4.88
N THR A 258 35.44 -4.00 5.82
CA THR A 258 35.34 -4.29 7.26
C THR A 258 34.16 -3.54 7.89
N CYS A 259 33.30 -4.29 8.55
CA CYS A 259 32.14 -3.72 9.24
C CYS A 259 32.52 -3.37 10.69
N ARG A 260 32.36 -2.11 11.05
CA ARG A 260 32.71 -1.65 12.38
C ARG A 260 31.47 -1.44 13.24
N VAL A 261 31.55 -1.90 14.49
CA VAL A 261 30.41 -1.85 15.40
C VAL A 261 30.80 -1.09 16.69
N TYR A 262 30.00 -0.09 17.05
CA TYR A 262 30.26 0.72 18.24
C TYR A 262 29.08 0.74 19.22
N HIS A 263 29.28 0.11 20.37
CA HIS A 263 28.26 0.05 21.42
C HIS A 263 28.90 0.29 22.78
N GLU A 264 28.13 0.90 23.69
CA GLU A 264 28.56 1.23 25.05
C GLU A 264 28.96 0.01 25.89
N GLY A 265 28.22 -1.10 25.72
CA GLY A 265 28.46 -2.33 26.50
C GLY A 265 29.64 -3.18 26.04
N LEU A 266 30.38 -2.67 25.05
CA LEU A 266 31.53 -3.37 24.47
C LEU A 266 32.83 -3.15 25.23
N PRO A 267 33.78 -4.10 25.13
CA PRO A 267 35.15 -3.85 25.59
C PRO A 267 35.89 -2.88 24.67
N GLU A 268 35.67 -3.02 23.35
CA GLU A 268 36.25 -2.16 22.32
C GLU A 268 35.47 -2.26 21.00
N PRO A 269 35.67 -1.32 20.07
CA PRO A 269 35.04 -1.43 18.75
C PRO A 269 35.33 -2.75 18.05
N LEU A 270 34.27 -3.39 17.59
CA LEU A 270 34.35 -4.68 16.91
C LEU A 270 34.19 -4.51 15.41
N THR A 271 35.05 -5.18 14.66
CA THR A 271 35.01 -5.17 13.21
C THR A 271 35.05 -6.61 12.69
N LEU A 272 34.27 -6.89 11.67
CA LEU A 272 34.21 -8.23 11.07
C LEU A 272 33.96 -8.17 9.56
N ARG A 273 34.45 -9.18 8.86
CA ARG A 273 34.26 -9.32 7.40
C ARG A 273 33.61 -10.66 7.03
N TRP A 274 33.04 -10.71 5.85
CA TRP A 274 32.36 -11.91 5.45
C TRP A 274 33.42 -12.99 5.42
N GLU A 275 33.10 -14.09 6.07
CA GLU A 275 33.82 -15.34 5.93
C GLU A 275 32.88 -16.44 5.42
N PRO A 276 33.07 -16.88 4.16
CA PRO A 276 32.22 -17.91 3.56
C PRO A 276 32.36 -19.24 4.30
N LYS B 3 1.29 12.14 9.31
CA LYS B 3 2.46 11.32 8.90
C LYS B 3 2.08 9.85 8.70
N THR B 4 2.47 9.29 7.55
CA THR B 4 2.26 7.87 7.22
C THR B 4 3.27 6.98 7.97
N PRO B 5 2.82 5.80 8.44
CA PRO B 5 3.64 4.94 9.31
C PRO B 5 4.81 4.30 8.56
N GLN B 6 5.63 3.54 9.28
CA GLN B 6 6.77 2.84 8.71
C GLN B 6 6.77 1.43 9.28
N ILE B 7 6.70 0.46 8.39
CA ILE B 7 6.51 -0.90 8.85
C ILE B 7 7.77 -1.67 8.59
N GLN B 8 8.09 -2.61 9.45
CA GLN B 8 9.18 -3.54 9.19
C GLN B 8 8.68 -4.85 9.78
N VAL B 9 8.76 -5.92 9.00
CA VAL B 9 8.44 -7.24 9.51
C VAL B 9 9.74 -8.02 9.60
N TYR B 10 9.96 -8.63 10.77
CA TYR B 10 11.22 -9.29 11.11
C TYR B 10 11.05 -10.32 12.23
N SER B 11 12.09 -11.12 12.47
CA SER B 11 12.00 -12.23 13.40
C SER B 11 12.92 -12.01 14.57
N ARG B 12 12.53 -12.47 15.76
CA ARG B 12 13.37 -12.25 16.93
C ARG B 12 14.77 -12.88 16.75
N HIS B 13 14.80 -14.18 16.44
CA HIS B 13 16.04 -14.91 16.26
C HIS B 13 16.30 -15.21 14.79
N PRO B 14 17.59 -15.40 14.39
CA PRO B 14 17.83 -15.76 12.99
C PRO B 14 16.88 -16.88 12.58
N PRO B 15 16.23 -16.72 11.43
CA PRO B 15 15.21 -17.67 10.99
C PRO B 15 15.74 -19.03 10.56
N GLU B 16 15.05 -20.09 10.99
CA GLU B 16 15.33 -21.44 10.53
C GLU B 16 14.03 -22.13 10.15
N ASN B 17 14.05 -22.85 9.02
CA ASN B 17 12.85 -23.57 8.57
C ASN B 17 12.48 -24.67 9.56
N GLY B 18 11.18 -24.87 9.75
CA GLY B 18 10.72 -25.91 10.70
C GLY B 18 10.88 -25.64 12.18
N LYS B 19 11.63 -24.58 12.50
CA LYS B 19 12.04 -24.26 13.85
C LYS B 19 11.32 -22.98 14.36
N PRO B 20 10.61 -23.06 15.51
CA PRO B 20 9.76 -21.96 16.01
C PRO B 20 10.50 -20.68 16.31
N ASN B 21 9.82 -19.57 16.06
CA ASN B 21 10.32 -18.21 16.18
C ASN B 21 9.17 -17.25 16.35
N ILE B 22 9.46 -15.98 16.48
CA ILE B 22 8.43 -14.98 16.65
C ILE B 22 8.49 -13.89 15.58
N LEU B 23 7.34 -13.52 15.05
CA LEU B 23 7.29 -12.52 13.99
C LEU B 23 6.95 -11.15 14.57
N ASN B 24 7.80 -10.16 14.28
CA ASN B 24 7.57 -8.82 14.74
C ASN B 24 7.17 -7.98 13.54
N CYS B 25 6.02 -7.35 13.63
CA CYS B 25 5.66 -6.30 12.72
C CYS B 25 5.75 -4.97 13.49
N TYR B 26 6.63 -4.08 13.04
CA TYR B 26 6.99 -2.90 13.82
C TYR B 26 6.58 -1.64 13.10
N VAL B 27 5.62 -0.93 13.68
CA VAL B 27 4.98 0.18 12.99
C VAL B 27 5.33 1.45 13.74
N THR B 28 5.89 2.44 13.04
CA THR B 28 6.34 3.67 13.71
C THR B 28 6.10 4.96 12.91
N GLN B 29 6.13 6.09 13.62
CA GLN B 29 6.07 7.41 12.99
C GLN B 29 4.69 7.91 12.55
N PHE B 30 3.62 7.36 13.11
CA PHE B 30 2.30 7.76 12.70
C PHE B 30 1.67 8.74 13.67
N HIS B 31 0.57 9.33 13.24
CA HIS B 31 -0.29 10.13 14.05
C HIS B 31 -1.58 10.20 13.26
N PRO B 32 -2.77 10.20 13.84
CA PRO B 32 -3.15 9.97 15.23
C PRO B 32 -2.71 8.60 15.76
N PRO B 33 -2.64 8.44 17.12
CA PRO B 33 -2.14 7.19 17.68
C PRO B 33 -3.03 6.03 17.31
N HIS B 34 -4.35 6.20 17.29
CA HIS B 34 -5.24 5.09 16.94
C HIS B 34 -4.81 4.45 15.62
N ILE B 35 -4.43 3.17 15.68
CA ILE B 35 -3.96 2.44 14.51
C ILE B 35 -4.69 1.07 14.37
N GLU B 36 -4.39 0.32 13.32
CA GLU B 36 -4.77 -1.08 13.25
C GLU B 36 -3.67 -1.96 12.64
N ILE B 37 -3.49 -3.15 13.21
CA ILE B 37 -2.52 -4.06 12.64
C ILE B 37 -3.13 -5.45 12.53
N GLN B 38 -3.18 -6.03 11.33
CA GLN B 38 -3.35 -7.48 11.16
C GLN B 38 -1.99 -8.12 10.92
N MET B 39 -1.84 -9.37 11.33
CA MET B 39 -0.78 -10.22 10.77
C MET B 39 -1.41 -11.36 9.98
N LEU B 40 -0.65 -11.85 8.98
CA LEU B 40 -1.16 -12.80 7.99
C LEU B 40 -0.22 -13.95 7.67
N LYS B 41 -0.79 -15.16 7.74
CA LYS B 41 -0.15 -16.38 7.28
C LYS B 41 -0.94 -16.81 6.06
N ASN B 42 -0.29 -16.79 4.90
CA ASN B 42 -0.90 -17.16 3.63
C ASN B 42 -2.17 -16.38 3.29
N GLY B 43 -2.12 -15.06 3.47
CA GLY B 43 -3.30 -14.21 3.29
C GLY B 43 -4.37 -14.31 4.37
N LYS B 44 -4.21 -15.26 5.28
CA LYS B 44 -5.21 -15.48 6.35
C LYS B 44 -4.79 -14.86 7.67
N LYS B 45 -5.79 -14.57 8.50
CA LYS B 45 -5.59 -13.84 9.75
C LYS B 45 -5.10 -14.70 10.92
N ILE B 46 -4.10 -14.19 11.63
CA ILE B 46 -3.60 -14.82 12.86
C ILE B 46 -4.46 -14.42 14.10
N PRO B 47 -5.08 -15.37 14.77
CA PRO B 47 -6.13 -15.03 15.74
C PRO B 47 -5.69 -14.13 16.90
N LYS B 48 -4.47 -14.32 17.40
CA LYS B 48 -4.06 -13.79 18.67
C LYS B 48 -2.76 -13.00 18.65
N VAL B 49 -2.77 -11.82 18.09
CA VAL B 49 -1.53 -11.09 18.01
C VAL B 49 -1.28 -10.32 19.28
N GLU B 50 -0.05 -10.38 19.79
CA GLU B 50 0.32 -9.61 20.96
C GLU B 50 0.74 -8.19 20.54
N MET B 51 0.40 -7.21 21.36
CA MET B 51 0.39 -5.81 20.97
C MET B 51 0.99 -4.89 22.04
N SER B 52 1.97 -4.08 21.65
CA SER B 52 2.67 -3.16 22.54
C SER B 52 1.81 -1.96 22.94
N ASP B 53 1.85 -1.56 24.20
CA ASP B 53 1.05 -0.45 24.70
C ASP B 53 1.40 0.88 24.02
N MET B 54 0.42 1.77 23.91
CA MET B 54 0.57 3.04 23.22
C MET B 54 1.77 3.84 23.78
N SER B 55 2.67 4.28 22.90
CA SER B 55 3.89 5.05 23.25
C SER B 55 4.36 5.96 22.12
N PHE B 56 4.74 7.19 22.44
CA PHE B 56 5.20 8.09 21.37
C PHE B 56 6.60 8.70 21.61
N SER B 57 7.24 9.04 20.49
CA SER B 57 8.62 9.48 20.46
C SER B 57 8.69 10.96 20.63
N LYS B 58 9.92 11.44 20.86
CA LYS B 58 10.19 12.85 21.15
C LYS B 58 9.98 13.74 19.94
N ASP B 59 9.82 13.14 18.77
CA ASP B 59 9.31 13.87 17.61
C ASP B 59 7.77 13.90 17.55
N TRP B 60 7.11 13.46 18.63
CA TRP B 60 5.65 13.54 18.78
C TRP B 60 4.81 12.41 18.15
N SER B 61 5.48 11.59 17.35
CA SER B 61 4.86 10.54 16.59
C SER B 61 4.82 9.26 17.41
N PHE B 62 3.97 8.33 17.00
CA PHE B 62 3.77 7.12 17.80
C PHE B 62 4.42 5.89 17.21
N TYR B 63 4.50 4.83 18.01
CA TYR B 63 4.91 3.50 17.54
C TYR B 63 4.29 2.33 18.32
N ILE B 64 3.91 1.28 17.60
CA ILE B 64 3.39 0.07 18.24
C ILE B 64 4.29 -1.08 17.77
N LEU B 65 4.46 -2.11 18.57
CA LEU B 65 5.17 -3.31 18.10
C LEU B 65 4.32 -4.55 18.27
N ALA B 66 4.03 -5.21 17.15
CA ALA B 66 3.13 -6.34 17.20
C ALA B 66 3.92 -7.64 16.91
N HIS B 67 3.47 -8.74 17.50
CA HIS B 67 4.18 -10.01 17.39
C HIS B 67 3.29 -11.20 17.72
N THR B 68 3.61 -12.31 17.06
CA THR B 68 3.08 -13.66 17.35
C THR B 68 4.18 -14.72 17.13
N GLU B 69 4.11 -15.81 17.90
CA GLU B 69 4.86 -17.01 17.58
C GLU B 69 4.59 -17.47 16.12
N PHE B 70 5.62 -17.99 15.45
CA PHE B 70 5.44 -18.61 14.12
C PHE B 70 6.53 -19.64 13.88
N THR B 71 6.46 -20.37 12.77
CA THR B 71 7.54 -21.28 12.39
C THR B 71 7.80 -21.14 10.88
N PRO B 72 9.03 -20.70 10.53
CA PRO B 72 9.33 -20.51 9.11
C PRO B 72 9.32 -21.82 8.34
N THR B 73 8.81 -21.76 7.12
CA THR B 73 8.89 -22.92 6.25
C THR B 73 9.36 -22.38 4.90
N GLU B 74 9.73 -23.27 4.00
CA GLU B 74 10.15 -22.87 2.67
C GLU B 74 9.08 -22.09 1.93
N THR B 75 7.83 -22.47 2.19
CA THR B 75 6.71 -22.08 1.31
C THR B 75 5.58 -21.20 1.87
N ASP B 76 5.31 -21.23 3.17
CA ASP B 76 4.23 -20.40 3.74
C ASP B 76 4.56 -18.90 3.59
N THR B 77 3.53 -18.05 3.46
CA THR B 77 3.78 -16.61 3.41
C THR B 77 3.37 -15.90 4.68
N TYR B 78 4.15 -14.90 5.03
CA TYR B 78 3.93 -14.15 6.25
C TYR B 78 3.97 -12.63 6.02
N ALA B 79 2.80 -12.01 6.11
CA ALA B 79 2.71 -10.56 5.95
C ALA B 79 2.02 -9.87 7.12
N CYS B 80 2.26 -8.56 7.22
CA CYS B 80 1.64 -7.69 8.21
C CYS B 80 0.92 -6.53 7.53
N ARG B 81 -0.35 -6.33 7.87
CA ARG B 81 -1.19 -5.32 7.21
C ARG B 81 -1.57 -4.18 8.20
N VAL B 82 -1.46 -2.94 7.75
CA VAL B 82 -1.50 -1.78 8.62
C VAL B 82 -2.56 -0.85 8.10
N LYS B 83 -3.40 -0.33 8.97
CA LYS B 83 -4.45 0.59 8.53
C LYS B 83 -4.56 1.79 9.44
N HIS B 84 -4.45 2.98 8.85
CA HIS B 84 -4.27 4.23 9.59
C HIS B 84 -4.66 5.47 8.78
N ASP B 85 -5.15 6.47 9.47
CA ASP B 85 -5.92 7.52 8.86
C ASP B 85 -5.12 8.19 7.78
N SER B 86 -3.82 8.13 7.89
CA SER B 86 -2.96 8.90 7.04
C SER B 86 -2.83 8.25 5.69
N MET B 87 -3.53 7.13 5.50
CA MET B 87 -3.43 6.40 4.25
C MET B 87 -4.74 6.14 3.54
N ALA B 88 -4.72 6.20 2.23
CA ALA B 88 -5.91 6.01 1.40
C ALA B 88 -6.50 4.62 1.66
N GLU B 89 -5.65 3.62 1.43
CA GLU B 89 -5.99 2.20 1.53
CA GLU B 89 -6.04 2.23 1.62
C GLU B 89 -5.02 1.43 2.45
N PRO B 90 -5.44 0.27 3.01
CA PRO B 90 -4.53 -0.46 3.89
C PRO B 90 -3.23 -0.90 3.21
N LYS B 91 -2.09 -0.64 3.84
CA LYS B 91 -0.78 -1.01 3.30
C LYS B 91 -0.34 -2.35 3.89
N THR B 92 0.47 -3.11 3.14
CA THR B 92 0.82 -4.52 3.50
C THR B 92 2.29 -4.77 3.24
N VAL B 93 3.06 -5.20 4.23
CA VAL B 93 4.45 -5.59 3.92
C VAL B 93 4.82 -7.01 4.33
N TYR B 94 5.35 -7.77 3.37
CA TYR B 94 5.61 -9.19 3.46
C TYR B 94 6.95 -9.48 4.15
N TRP B 95 7.01 -10.58 4.90
CA TRP B 95 8.25 -10.92 5.61
C TRP B 95 9.27 -11.53 4.67
N ASP B 96 10.46 -10.96 4.67
CA ASP B 96 11.55 -11.43 3.84
C ASP B 96 12.70 -11.81 4.74
N ARG B 97 13.04 -13.10 4.77
CA ARG B 97 14.03 -13.64 5.72
C ARG B 97 15.42 -13.00 5.67
N ASP B 98 15.73 -12.35 4.55
CA ASP B 98 17.03 -11.75 4.34
C ASP B 98 17.10 -10.35 4.97
N MET B 99 15.97 -9.88 5.50
CA MET B 99 15.88 -8.53 6.06
C MET B 99 15.25 -8.52 7.45
N GLU C 1 7.94 11.77 40.82
CA GLU C 1 6.49 12.05 40.73
C GLU C 1 6.17 12.89 39.49
N GLY C 2 4.89 12.98 39.12
CA GLY C 2 4.53 13.67 37.87
C GLY C 2 4.41 15.16 38.09
N PRO C 3 4.40 15.95 37.00
CA PRO C 3 4.16 17.39 37.11
C PRO C 3 2.67 17.64 37.26
N ARG C 4 2.31 18.64 38.04
CA ARG C 4 0.92 18.98 38.09
C ARG C 4 0.78 20.22 37.26
N ASN C 5 -0.17 20.21 36.33
CA ASN C 5 -0.39 21.37 35.48
C ASN C 5 -1.11 22.51 36.19
N GLN C 6 -1.01 23.72 35.63
CA GLN C 6 -1.60 24.93 36.22
C GLN C 6 -2.80 25.47 35.37
N ASP C 7 -2.68 26.67 34.80
CA ASP C 7 -3.76 27.26 34.01
C ASP C 7 -3.92 26.52 32.70
N TRP C 8 -5.13 26.39 32.21
CA TRP C 8 -5.43 25.59 31.06
C TRP C 8 -4.83 26.21 29.81
N LEU C 9 -4.75 25.47 28.72
CA LEU C 9 -4.57 26.09 27.41
C LEU C 9 -5.72 27.06 27.08
N GLY D 1 -30.32 -3.98 -26.05
CA GLY D 1 -29.48 -4.48 -24.93
C GLY D 1 -28.85 -3.36 -24.10
N PRO D 2 -27.99 -3.73 -23.13
CA PRO D 2 -27.31 -2.75 -22.26
C PRO D 2 -26.17 -2.02 -23.01
N HIS D 3 -26.56 -1.14 -23.94
CA HIS D 3 -25.61 -0.46 -24.80
C HIS D 3 -24.81 0.59 -24.07
N SER D 4 -23.55 0.73 -24.45
CA SER D 4 -22.61 1.62 -23.76
C SER D 4 -21.56 2.27 -24.67
N MET D 5 -21.11 3.45 -24.27
CA MET D 5 -19.95 4.08 -24.88
C MET D 5 -18.91 4.45 -23.81
N ARG D 6 -17.64 4.27 -24.14
CA ARG D 6 -16.57 4.60 -23.17
C ARG D 6 -15.34 5.15 -23.87
N TYR D 7 -14.70 6.14 -23.28
CA TYR D 7 -13.39 6.60 -23.77
C TYR D 7 -12.33 6.42 -22.69
N PHE D 8 -11.32 5.61 -22.99
CA PHE D 8 -10.27 5.34 -22.01
C PHE D 8 -9.02 6.17 -22.26
N GLU D 9 -8.89 7.27 -21.53
CA GLU D 9 -7.79 8.20 -21.75
C GLU D 9 -6.60 7.91 -20.82
N THR D 10 -5.41 7.81 -21.39
CA THR D 10 -4.21 7.55 -20.57
C THR D 10 -3.07 8.49 -20.84
N ALA D 11 -2.50 9.00 -19.77
CA ALA D 11 -1.22 9.72 -19.91
C ALA D 11 -0.10 9.07 -19.10
N VAL D 12 0.99 8.78 -19.79
CA VAL D 12 2.18 8.19 -19.18
C VAL D 12 3.40 9.08 -19.33
N SER D 13 4.13 9.29 -18.25
CA SER D 13 5.46 9.86 -18.37
C SER D 13 6.45 8.86 -17.82
N ARG D 14 7.61 8.76 -18.48
CA ARG D 14 8.70 7.91 -17.99
C ARG D 14 9.94 8.76 -17.70
N PRO D 15 10.94 8.20 -16.97
CA PRO D 15 12.23 8.88 -16.80
C PRO D 15 12.91 9.05 -18.16
N GLY D 16 13.59 10.16 -18.35
CA GLY D 16 13.91 10.61 -19.68
C GLY D 16 13.16 11.87 -20.01
N LEU D 17 12.56 12.46 -18.99
CA LEU D 17 12.06 13.82 -19.10
C LEU D 17 11.04 13.97 -20.25
N GLU D 18 11.14 15.08 -20.96
CA GLU D 18 10.30 15.39 -22.09
C GLU D 18 8.84 15.46 -21.73
N GLU D 19 8.02 14.82 -22.54
CA GLU D 19 6.59 14.99 -22.40
C GLU D 19 5.95 13.62 -22.25
N PRO D 20 4.85 13.58 -21.51
CA PRO D 20 4.02 12.39 -21.31
C PRO D 20 3.45 11.88 -22.62
N ARG D 21 3.37 10.57 -22.78
CA ARG D 21 2.68 9.99 -23.91
C ARG D 21 1.16 10.05 -23.64
N TYR D 22 0.38 10.45 -24.63
CA TYR D 22 -1.09 10.43 -24.48
C TYR D 22 -1.80 9.47 -25.43
N ILE D 23 -2.28 8.35 -24.89
CA ILE D 23 -3.13 7.43 -25.66
C ILE D 23 -4.61 7.67 -25.34
N SER D 24 -5.46 7.65 -26.32
CA SER D 24 -6.92 7.66 -26.01
C SER D 24 -7.74 6.68 -26.83
N VAL D 25 -8.40 5.74 -26.19
CA VAL D 25 -9.12 4.70 -26.90
C VAL D 25 -10.61 4.85 -26.67
N GLY D 26 -11.41 4.58 -27.71
CA GLY D 26 -12.87 4.68 -27.61
C GLY D 26 -13.62 3.40 -27.91
N TYR D 27 -14.66 3.10 -27.14
CA TYR D 27 -15.35 1.83 -27.22
C TYR D 27 -16.85 2.03 -27.32
N VAL D 28 -17.45 1.36 -28.30
CA VAL D 28 -18.89 1.26 -28.35
C VAL D 28 -19.24 -0.20 -28.06
N ASP D 29 -20.13 -0.41 -27.10
CA ASP D 29 -20.55 -1.75 -26.73
C ASP D 29 -19.36 -2.63 -26.37
N ASN D 30 -18.37 -2.04 -25.72
CA ASN D 30 -17.19 -2.78 -25.29
C ASN D 30 -16.25 -3.15 -26.42
N LYS D 31 -16.47 -2.56 -27.59
CA LYS D 31 -15.65 -2.86 -28.76
C LYS D 31 -14.89 -1.62 -29.21
N GLU D 32 -13.59 -1.74 -29.40
CA GLU D 32 -12.80 -0.57 -29.75
C GLU D 32 -13.18 -0.09 -31.15
N PHE D 33 -13.48 1.19 -31.29
CA PHE D 33 -13.75 1.75 -32.61
C PHE D 33 -12.87 2.94 -33.02
N VAL D 34 -12.35 3.67 -32.04
CA VAL D 34 -11.50 4.82 -32.32
C VAL D 34 -10.25 4.84 -31.47
N ARG D 35 -9.13 5.25 -32.05
CA ARG D 35 -7.88 5.36 -31.30
C ARG D 35 -7.07 6.61 -31.62
N PHE D 36 -6.48 7.21 -30.60
CA PHE D 36 -5.45 8.26 -30.76
C PHE D 36 -4.19 7.88 -30.00
N ASP D 37 -3.01 8.16 -30.56
CA ASP D 37 -1.74 7.99 -29.81
C ASP D 37 -0.63 8.95 -30.23
N SER D 38 -0.12 9.73 -29.26
CA SER D 38 0.97 10.72 -29.47
C SER D 38 2.30 10.26 -30.04
N ASP D 39 2.59 8.97 -30.04
CA ASP D 39 3.89 8.47 -30.53
C ASP D 39 4.01 8.46 -32.03
N ALA D 40 2.90 8.26 -32.71
CA ALA D 40 2.89 8.13 -34.16
C ALA D 40 3.53 9.35 -34.84
N GLU D 41 4.10 9.15 -36.03
CA GLU D 41 4.62 10.25 -36.87
C GLU D 41 3.55 11.30 -37.12
N ASN D 42 2.37 10.84 -37.57
CA ASN D 42 1.23 11.73 -37.84
C ASN D 42 0.01 11.39 -36.94
N PRO D 43 0.02 11.88 -35.68
CA PRO D 43 -0.89 11.46 -34.62
C PRO D 43 -2.35 11.84 -34.88
N ARG D 44 -3.07 10.98 -35.58
CA ARG D 44 -4.48 11.22 -35.88
C ARG D 44 -5.33 10.30 -35.04
N TYR D 45 -6.62 10.61 -34.93
CA TYR D 45 -7.61 9.58 -34.60
C TYR D 45 -7.83 8.68 -35.81
N GLU D 46 -7.62 7.38 -35.66
CA GLU D 46 -7.83 6.42 -36.75
C GLU D 46 -9.09 5.61 -36.44
N PRO D 47 -9.83 5.16 -37.48
CA PRO D 47 -10.98 4.26 -37.27
C PRO D 47 -10.53 2.83 -36.96
N ARG D 48 -11.28 2.12 -36.14
CA ARG D 48 -10.87 0.84 -35.59
C ARG D 48 -11.82 -0.31 -35.90
N ALA D 49 -12.97 0.00 -36.48
CA ALA D 49 -14.02 -0.98 -36.76
C ALA D 49 -14.68 -0.56 -38.06
N PRO D 50 -14.62 -1.43 -39.07
CA PRO D 50 -14.87 -0.97 -40.45
C PRO D 50 -16.04 0.03 -40.66
N TRP D 51 -17.07 -0.06 -39.81
CA TRP D 51 -18.22 0.84 -39.91
C TRP D 51 -17.91 2.31 -39.59
N MET D 52 -16.74 2.57 -39.02
CA MET D 52 -16.33 3.95 -38.74
C MET D 52 -15.79 4.64 -39.98
N GLU D 53 -15.54 3.87 -41.01
CA GLU D 53 -14.92 4.34 -42.23
C GLU D 53 -15.90 5.18 -43.02
N GLN D 54 -17.10 5.34 -42.48
CA GLN D 54 -18.18 6.11 -43.08
C GLN D 54 -18.17 7.58 -42.67
N GLU D 55 -17.10 8.02 -42.00
CA GLU D 55 -17.03 9.35 -41.38
C GLU D 55 -16.10 10.26 -42.14
N GLY D 56 -16.58 11.47 -42.44
CA GLY D 56 -15.83 12.42 -43.24
C GLY D 56 -14.55 12.92 -42.60
N PRO D 57 -13.59 13.39 -43.41
CA PRO D 57 -12.29 13.93 -42.99
C PRO D 57 -12.41 15.01 -41.91
N GLU D 58 -13.56 15.68 -41.87
CA GLU D 58 -13.82 16.77 -40.92
C GLU D 58 -14.21 16.22 -39.55
N TYR D 59 -14.65 14.96 -39.50
CA TYR D 59 -14.90 14.31 -38.22
C TYR D 59 -13.56 13.97 -37.61
N TRP D 60 -12.70 13.35 -38.41
CA TRP D 60 -11.34 13.02 -37.97
C TRP D 60 -10.52 14.26 -37.64
N GLU D 61 -10.80 15.36 -38.34
CA GLU D 61 -10.11 16.64 -38.09
C GLU D 61 -10.40 17.17 -36.68
N ARG D 62 -11.69 17.17 -36.35
CA ARG D 62 -12.27 17.77 -35.15
C ARG D 62 -11.96 16.98 -33.86
N GLU D 63 -11.92 15.65 -33.98
CA GLU D 63 -11.54 14.82 -32.85
C GLU D 63 -10.03 14.82 -32.64
N THR D 64 -9.25 14.86 -33.73
CA THR D 64 -7.81 15.02 -33.57
C THR D 64 -7.52 16.28 -32.74
N GLN D 65 -8.23 17.35 -33.04
CA GLN D 65 -8.03 18.57 -32.30
C GLN D 65 -8.36 18.24 -30.87
N LYS D 66 -9.56 17.67 -30.69
CA LYS D 66 -10.15 17.48 -29.37
C LYS D 66 -9.17 16.75 -28.51
N ALA D 67 -8.65 15.64 -29.04
CA ALA D 67 -7.60 14.86 -28.39
C ALA D 67 -6.27 15.65 -28.21
N LYS D 68 -5.92 16.50 -29.14
CA LYS D 68 -4.70 17.28 -28.95
C LYS D 68 -4.82 18.28 -27.82
N GLY D 69 -6.06 18.56 -27.45
CA GLY D 69 -6.34 19.41 -26.32
C GLY D 69 -6.38 18.64 -25.02
N GLN D 70 -6.44 17.31 -25.08
CA GLN D 70 -6.46 16.55 -23.83
C GLN D 70 -5.03 16.28 -23.52
N GLU D 71 -4.25 15.86 -24.53
CA GLU D 71 -2.82 15.71 -24.34
C GLU D 71 -2.37 16.89 -23.54
N GLN D 72 -2.83 18.06 -23.96
CA GLN D 72 -2.53 19.28 -23.22
C GLN D 72 -3.00 19.20 -21.77
N TRP D 73 -4.33 19.02 -21.61
CA TRP D 73 -4.99 18.96 -20.31
C TRP D 73 -4.31 18.02 -19.32
N PHE D 74 -4.05 16.81 -19.78
CA PHE D 74 -3.29 15.81 -19.02
C PHE D 74 -1.84 16.23 -18.69
N ARG D 75 -1.14 16.94 -19.57
CA ARG D 75 0.25 17.30 -19.24
C ARG D 75 0.30 18.11 -17.97
N VAL D 76 -0.60 19.10 -17.88
CA VAL D 76 -0.66 19.94 -16.70
C VAL D 76 -1.01 19.14 -15.47
N SER D 77 -2.16 18.46 -15.53
CA SER D 77 -2.81 17.88 -14.35
C SER D 77 -1.96 16.83 -13.71
N LEU D 78 -1.15 16.17 -14.54
CA LEU D 78 -0.03 15.32 -14.09
C LEU D 78 1.08 16.12 -13.35
N ARG D 79 1.38 17.31 -13.82
CA ARG D 79 2.37 18.13 -13.13
C ARG D 79 1.87 18.54 -11.76
N ASN D 80 0.54 18.74 -11.62
CA ASN D 80 -0.01 19.19 -10.34
C ASN D 80 0.02 18.02 -9.39
N LEU D 81 0.13 16.85 -9.97
CA LEU D 81 -0.06 15.70 -9.14
C LEU D 81 1.18 15.44 -8.47
N LEU D 82 2.27 15.59 -9.19
CA LEU D 82 3.59 15.50 -8.67
C LEU D 82 3.68 16.51 -7.60
N GLY D 83 3.14 17.67 -7.85
CA GLY D 83 3.02 18.70 -6.82
C GLY D 83 2.45 18.18 -5.53
N TYR D 84 1.17 17.78 -5.58
CA TYR D 84 0.44 17.35 -4.39
C TYR D 84 1.18 16.29 -3.58
N TYR D 85 1.47 15.16 -4.20
CA TYR D 85 2.07 14.03 -3.47
C TYR D 85 3.55 14.21 -3.18
N ASN D 86 4.09 15.40 -3.46
CA ASN D 86 5.45 15.71 -3.08
C ASN D 86 6.44 14.68 -3.60
N GLN D 87 6.42 14.42 -4.90
CA GLN D 87 7.20 13.33 -5.49
C GLN D 87 8.46 13.82 -6.19
N SER D 88 9.51 13.00 -6.11
CA SER D 88 10.78 13.27 -6.75
C SER D 88 10.72 12.85 -8.22
N ALA D 89 10.95 13.81 -9.10
CA ALA D 89 10.80 13.64 -10.56
C ALA D 89 11.78 12.62 -11.19
N GLY D 90 11.61 12.39 -12.49
CA GLY D 90 12.44 11.42 -13.20
C GLY D 90 12.08 9.99 -12.86
N GLY D 91 10.81 9.78 -12.50
CA GLY D 91 10.23 8.45 -12.30
C GLY D 91 9.06 8.24 -13.25
N SER D 92 8.51 7.03 -13.27
CA SER D 92 7.35 6.77 -14.11
C SER D 92 6.10 7.26 -13.40
N HIS D 93 5.22 7.93 -14.15
CA HIS D 93 3.88 8.22 -13.61
C HIS D 93 2.72 8.00 -14.58
N THR D 94 1.60 7.60 -14.04
CA THR D 94 0.44 7.19 -14.87
C THR D 94 -0.80 7.91 -14.47
N LEU D 95 -1.51 8.41 -15.46
CA LEU D 95 -2.79 9.06 -15.22
C LEU D 95 -3.86 8.56 -16.21
N GLN D 96 -5.00 8.22 -15.66
CA GLN D 96 -5.97 7.50 -16.46
C GLN D 96 -7.29 8.12 -16.28
N GLN D 97 -8.06 8.12 -17.35
CA GLN D 97 -9.46 8.58 -17.24
C GLN D 97 -10.38 7.62 -17.88
N MET D 98 -11.50 7.39 -17.22
CA MET D 98 -12.58 6.60 -17.82
C MET D 98 -13.83 7.43 -17.91
N SER D 99 -14.22 7.75 -19.14
CA SER D 99 -15.43 8.55 -19.41
C SER D 99 -16.47 7.82 -20.28
N GLY D 100 -17.74 8.17 -20.13
CA GLY D 100 -18.78 7.51 -20.94
C GLY D 100 -20.11 7.33 -20.24
N CYS D 101 -20.99 6.55 -20.89
CA CYS D 101 -22.41 6.50 -20.56
C CYS D 101 -23.06 5.13 -20.80
N ASP D 102 -24.22 4.91 -20.19
CA ASP D 102 -24.96 3.65 -20.28
C ASP D 102 -26.38 3.81 -20.84
N LEU D 103 -26.73 2.99 -21.82
CA LEU D 103 -28.04 3.14 -22.48
C LEU D 103 -29.00 1.99 -22.26
N GLY D 104 -30.23 2.35 -21.87
CA GLY D 104 -31.33 1.40 -21.71
C GLY D 104 -31.74 0.76 -23.02
N SER D 105 -32.67 -0.16 -22.94
CA SER D 105 -33.26 -0.76 -24.14
C SER D 105 -34.16 0.24 -24.88
N ASP D 106 -34.61 1.29 -24.18
CA ASP D 106 -35.37 2.39 -24.80
C ASP D 106 -34.49 3.54 -25.25
N TRP D 107 -33.19 3.27 -25.38
CA TRP D 107 -32.17 4.29 -25.64
C TRP D 107 -32.25 5.41 -24.58
N ARG D 108 -32.76 5.01 -23.41
CA ARG D 108 -32.76 5.78 -22.17
C ARG D 108 -31.35 5.88 -21.61
N LEU D 109 -30.94 7.07 -21.17
CA LEU D 109 -29.70 7.19 -20.44
C LEU D 109 -29.88 6.66 -19.02
N LEU D 110 -29.15 5.60 -18.69
CA LEU D 110 -29.22 5.00 -17.35
C LEU D 110 -28.24 5.63 -16.38
N ARG D 111 -26.97 5.54 -16.74
CA ARG D 111 -25.89 6.05 -15.91
C ARG D 111 -24.77 6.60 -16.78
N GLY D 112 -24.06 7.58 -16.26
CA GLY D 112 -22.87 8.11 -16.89
C GLY D 112 -21.69 7.87 -15.99
N TYR D 113 -20.50 7.86 -16.56
CA TYR D 113 -19.32 7.54 -15.80
C TYR D 113 -18.21 8.51 -16.11
N LEU D 114 -17.59 9.03 -15.06
CA LEU D 114 -16.43 9.86 -15.18
C LEU D 114 -15.55 9.61 -13.97
N GLN D 115 -14.37 9.08 -14.23
CA GLN D 115 -13.45 8.72 -13.16
C GLN D 115 -12.02 9.02 -13.51
N PHE D 116 -11.14 8.86 -12.54
CA PHE D 116 -9.69 9.14 -12.69
C PHE D 116 -8.87 8.30 -11.76
N ALA D 117 -7.80 7.72 -12.28
CA ALA D 117 -6.81 7.09 -11.42
C ALA D 117 -5.48 7.85 -11.50
N TYR D 118 -4.69 7.73 -10.45
CA TYR D 118 -3.31 8.11 -10.47
C TYR D 118 -2.53 6.91 -9.96
N GLU D 119 -1.44 6.57 -10.63
CA GLU D 119 -0.59 5.49 -10.16
C GLU D 119 -1.45 4.24 -10.13
N GLY D 120 -2.51 4.26 -10.93
CA GLY D 120 -3.40 3.10 -11.08
C GLY D 120 -4.31 2.88 -9.90
N ARG D 121 -4.52 3.95 -9.14
CA ARG D 121 -5.32 3.91 -7.94
C ARG D 121 -6.40 4.97 -8.06
N ASP D 122 -7.61 4.70 -7.60
CA ASP D 122 -8.68 5.67 -7.78
C ASP D 122 -8.33 6.99 -7.11
N TYR D 123 -8.53 8.09 -7.84
CA TYR D 123 -8.20 9.42 -7.33
C TYR D 123 -9.34 10.43 -7.18
N ILE D 124 -10.35 10.29 -8.03
CA ILE D 124 -11.57 11.08 -7.93
C ILE D 124 -12.62 10.50 -8.86
N ALA D 125 -13.90 10.70 -8.55
CA ALA D 125 -14.95 10.17 -9.40
C ALA D 125 -16.23 10.95 -9.22
N LEU D 126 -16.91 11.18 -10.34
CA LEU D 126 -18.23 11.77 -10.26
C LEU D 126 -19.19 10.68 -9.78
N ASN D 127 -20.02 11.04 -8.81
CA ASN D 127 -21.06 10.14 -8.35
C ASN D 127 -22.22 9.99 -9.34
N GLU D 128 -23.07 8.99 -9.11
CA GLU D 128 -24.17 8.71 -10.02
C GLU D 128 -25.20 9.84 -10.02
N ASP D 129 -25.35 10.51 -8.88
CA ASP D 129 -26.20 11.70 -8.82
C ASP D 129 -25.81 12.73 -9.91
N LEU D 130 -24.53 12.68 -10.33
CA LEU D 130 -23.92 13.56 -11.35
C LEU D 130 -23.76 14.99 -10.86
N LYS D 131 -23.78 15.15 -9.54
CA LYS D 131 -23.60 16.47 -8.91
C LYS D 131 -22.51 16.57 -7.84
N THR D 132 -21.98 15.43 -7.39
CA THR D 132 -20.98 15.42 -6.33
C THR D 132 -19.79 14.53 -6.65
N TRP D 133 -18.63 14.88 -6.08
CA TRP D 133 -17.40 14.12 -6.30
C TRP D 133 -17.01 13.26 -5.08
N THR D 134 -16.79 11.96 -5.33
CA THR D 134 -16.12 11.09 -4.36
C THR D 134 -14.61 11.21 -4.56
N ALA D 135 -13.90 11.55 -3.48
CA ALA D 135 -12.47 11.82 -3.58
C ALA D 135 -11.72 11.08 -2.50
N ALA D 136 -11.04 10.01 -2.87
CA ALA D 136 -10.28 9.22 -1.91
C ALA D 136 -8.87 9.79 -1.73
N ASP D 137 -8.55 10.18 -0.48
CA ASP D 137 -7.28 10.77 -0.07
C ASP D 137 -7.26 12.33 -0.14
N MET D 138 -6.22 12.91 0.48
CA MET D 138 -6.12 14.35 0.70
C MET D 138 -5.91 15.20 -0.56
N ALA D 139 -5.03 14.73 -1.43
CA ALA D 139 -4.75 15.41 -2.71
C ALA D 139 -5.94 15.36 -3.63
N ALA D 140 -6.84 14.42 -3.39
CA ALA D 140 -8.08 14.33 -4.13
C ALA D 140 -9.08 15.36 -3.64
N GLN D 141 -8.94 15.76 -2.38
CA GLN D 141 -9.79 16.82 -1.84
C GLN D 141 -9.47 18.17 -2.46
N ILE D 142 -8.17 18.46 -2.58
CA ILE D 142 -7.69 19.71 -3.22
C ILE D 142 -8.39 19.88 -4.54
N THR D 143 -8.31 18.86 -5.38
CA THR D 143 -9.05 18.84 -6.63
C THR D 143 -10.56 19.06 -6.41
N ARG D 144 -11.16 18.42 -5.41
CA ARG D 144 -12.60 18.52 -5.19
C ARG D 144 -13.07 19.92 -4.78
N ARG D 145 -12.18 20.69 -4.15
CA ARG D 145 -12.50 22.07 -3.79
C ARG D 145 -12.60 22.88 -5.07
N LYS D 146 -11.54 22.81 -5.88
CA LYS D 146 -11.47 23.50 -7.16
C LYS D 146 -12.70 23.23 -8.04
N TRP D 147 -13.06 21.97 -8.13
CA TRP D 147 -14.04 21.54 -9.10
C TRP D 147 -15.47 21.87 -8.70
N GLU D 148 -15.71 21.97 -7.40
CA GLU D 148 -16.97 22.48 -6.89
C GLU D 148 -17.06 23.98 -7.10
N GLN D 149 -15.93 24.66 -6.90
CA GLN D 149 -15.79 26.09 -7.17
C GLN D 149 -16.05 26.39 -8.64
N SER D 150 -15.51 25.57 -9.53
CA SER D 150 -15.57 25.83 -10.96
C SER D 150 -16.75 25.16 -11.70
N GLY D 151 -17.71 24.63 -10.94
CA GLY D 151 -18.88 23.99 -11.52
C GLY D 151 -18.49 22.97 -12.57
N ALA D 152 -17.39 22.27 -12.33
CA ALA D 152 -16.89 21.24 -13.22
C ALA D 152 -17.84 20.08 -13.33
N ALA D 153 -18.62 19.85 -12.27
CA ALA D 153 -19.63 18.79 -12.29
C ALA D 153 -20.85 19.09 -13.19
N GLU D 154 -21.11 20.36 -13.50
CA GLU D 154 -22.19 20.73 -14.44
C GLU D 154 -21.71 20.54 -15.86
N HIS D 155 -20.42 20.79 -16.06
CA HIS D 155 -19.76 20.72 -17.36
C HIS D 155 -19.73 19.29 -17.96
N TYR D 156 -19.55 18.28 -17.10
CA TYR D 156 -19.55 16.86 -17.53
C TYR D 156 -20.97 16.30 -17.55
N LYS D 157 -21.73 16.60 -16.50
CA LYS D 157 -23.16 16.33 -16.48
C LYS D 157 -23.79 16.65 -17.85
N ALA D 158 -23.25 17.65 -18.52
CA ALA D 158 -23.77 18.12 -19.80
C ALA D 158 -23.34 17.19 -20.93
N PHE D 159 -22.06 16.82 -20.93
CA PHE D 159 -21.51 15.90 -21.94
C PHE D 159 -22.17 14.52 -21.87
N LEU D 160 -22.30 14.00 -20.67
CA LEU D 160 -22.92 12.69 -20.49
C LEU D 160 -24.40 12.68 -20.89
N GLU D 161 -25.14 13.75 -20.58
CA GLU D 161 -26.57 13.78 -20.84
C GLU D 161 -26.84 14.14 -22.27
N GLY D 162 -26.04 15.05 -22.80
CA GLY D 162 -26.19 15.54 -24.16
C GLY D 162 -25.42 14.74 -25.20
N GLU D 163 -24.21 15.18 -25.46
CA GLU D 163 -23.40 14.69 -26.56
C GLU D 163 -23.00 13.22 -26.50
N CYS D 164 -22.78 12.65 -25.32
CA CYS D 164 -22.47 11.21 -25.23
C CYS D 164 -23.60 10.29 -25.71
N VAL D 165 -24.83 10.60 -25.29
CA VAL D 165 -26.03 9.90 -25.72
C VAL D 165 -26.23 10.08 -27.23
N GLU D 166 -26.20 11.34 -27.66
CA GLU D 166 -26.38 11.69 -29.05
C GLU D 166 -25.48 10.87 -29.98
N TRP D 167 -24.18 10.88 -29.72
CA TRP D 167 -23.22 10.20 -30.59
C TRP D 167 -23.28 8.68 -30.48
N LEU D 168 -23.67 8.19 -29.31
CA LEU D 168 -23.92 6.76 -29.16
C LEU D 168 -25.06 6.31 -30.09
N HIS D 169 -26.16 7.07 -30.13
CA HIS D 169 -27.27 6.77 -31.06
C HIS D 169 -26.71 6.51 -32.44
N ARG D 170 -25.89 7.46 -32.91
CA ARG D 170 -25.36 7.46 -34.26
C ARG D 170 -24.38 6.31 -34.53
N TYR D 171 -23.46 6.06 -33.60
CA TYR D 171 -22.51 4.97 -33.78
C TYR D 171 -23.26 3.65 -33.91
N LEU D 172 -24.38 3.52 -33.21
CA LEU D 172 -25.21 2.31 -33.27
C LEU D 172 -25.94 2.18 -34.61
N LYS D 173 -26.39 3.30 -35.16
CA LYS D 173 -26.94 3.33 -36.51
C LYS D 173 -25.90 2.82 -37.50
N ASN D 174 -24.71 3.41 -37.48
CA ASN D 174 -23.59 2.96 -38.30
C ASN D 174 -23.29 1.47 -38.16
N GLY D 175 -23.25 0.98 -36.92
CA GLY D 175 -22.96 -0.43 -36.64
C GLY D 175 -24.20 -1.32 -36.63
N ASN D 176 -24.43 -1.99 -37.76
CA ASN D 176 -25.49 -2.98 -37.89
C ASN D 176 -24.94 -4.41 -37.89
N ALA D 177 -23.90 -4.64 -38.69
CA ALA D 177 -23.07 -5.84 -38.58
C ALA D 177 -22.09 -5.58 -37.43
N THR D 178 -22.58 -5.76 -36.21
CA THR D 178 -21.75 -5.56 -35.03
C THR D 178 -22.21 -6.45 -33.87
N ARG D 181 -24.25 -8.87 -33.11
CA ARG D 181 -23.61 -10.06 -33.66
C ARG D 181 -22.98 -10.91 -32.56
N THR D 182 -23.51 -12.12 -32.40
CA THR D 182 -22.99 -13.04 -31.38
C THR D 182 -22.42 -14.29 -32.02
N ASP D 183 -21.58 -15.00 -31.25
CA ASP D 183 -21.10 -16.34 -31.61
C ASP D 183 -21.30 -17.29 -30.42
N SER D 184 -22.11 -18.33 -30.63
CA SER D 184 -22.36 -19.35 -29.63
C SER D 184 -21.06 -20.05 -29.18
N PRO D 185 -20.98 -20.48 -27.92
CA PRO D 185 -19.82 -21.24 -27.46
C PRO D 185 -19.88 -22.73 -27.84
N LYS D 186 -18.71 -23.31 -28.10
CA LYS D 186 -18.56 -24.71 -28.52
C LYS D 186 -17.83 -25.47 -27.41
N ALA D 187 -18.54 -26.42 -26.80
CA ALA D 187 -18.07 -27.06 -25.60
C ALA D 187 -17.87 -28.57 -25.70
N HIS D 188 -16.67 -29.01 -25.32
CA HIS D 188 -16.39 -30.41 -25.07
C HIS D 188 -15.94 -30.60 -23.64
N VAL D 189 -15.82 -31.85 -23.21
CA VAL D 189 -15.37 -32.19 -21.85
C VAL D 189 -14.24 -33.22 -21.93
N THR D 190 -13.06 -32.87 -21.41
CA THR D 190 -11.88 -33.71 -21.61
C THR D 190 -11.51 -34.46 -20.34
N HIS D 191 -10.82 -35.58 -20.53
CA HIS D 191 -10.37 -36.41 -19.44
C HIS D 191 -8.85 -36.41 -19.36
N HIS D 192 -8.35 -35.99 -18.21
CA HIS D 192 -6.94 -36.02 -17.86
C HIS D 192 -6.79 -36.66 -16.47
N PRO D 193 -6.50 -37.97 -16.40
CA PRO D 193 -6.27 -38.68 -15.13
C PRO D 193 -5.22 -38.07 -14.19
N ARG D 194 -5.42 -38.28 -12.89
CA ARG D 194 -4.54 -37.79 -11.81
C ARG D 194 -4.06 -38.94 -10.90
N SER D 195 -2.99 -38.76 -10.14
CA SER D 195 -2.46 -39.88 -9.36
C SER D 195 -3.36 -40.30 -8.21
N LYS D 196 -3.10 -41.47 -7.65
CA LYS D 196 -3.86 -41.99 -6.52
C LYS D 196 -5.36 -42.22 -6.68
N GLY D 197 -5.74 -42.98 -7.70
CA GLY D 197 -7.15 -43.33 -7.92
C GLY D 197 -8.05 -42.13 -8.17
N GLU D 198 -7.55 -41.20 -8.99
CA GLU D 198 -8.24 -39.93 -9.25
C GLU D 198 -8.12 -39.46 -10.70
N VAL D 199 -8.96 -38.49 -11.06
CA VAL D 199 -9.00 -37.89 -12.40
C VAL D 199 -9.35 -36.40 -12.31
N THR D 200 -9.17 -35.68 -13.42
CA THR D 200 -9.57 -34.27 -13.51
C THR D 200 -10.68 -34.12 -14.55
N LEU D 201 -11.62 -33.21 -14.28
CA LEU D 201 -12.68 -32.93 -15.24
C LEU D 201 -12.61 -31.48 -15.72
N ARG D 202 -12.03 -31.30 -16.91
CA ARG D 202 -11.86 -30.00 -17.56
C ARG D 202 -12.95 -29.79 -18.59
N CYS D 203 -13.65 -28.67 -18.48
CA CYS D 203 -14.77 -28.36 -19.35
C CYS D 203 -14.45 -27.11 -20.16
N TRP D 204 -14.10 -27.30 -21.43
CA TRP D 204 -13.69 -26.17 -22.27
C TRP D 204 -14.88 -25.58 -23.03
N ALA D 205 -14.86 -24.26 -23.21
CA ALA D 205 -15.86 -23.58 -24.03
C ALA D 205 -15.13 -22.76 -25.08
N LEU D 206 -15.45 -23.01 -26.35
CA LEU D 206 -14.68 -22.45 -27.47
C LEU D 206 -15.47 -21.62 -28.48
N GLY D 207 -14.79 -20.65 -29.07
CA GLY D 207 -15.30 -19.90 -30.21
C GLY D 207 -16.15 -18.69 -29.90
N PHE D 208 -16.55 -18.56 -28.64
CA PHE D 208 -17.65 -17.68 -28.27
C PHE D 208 -17.40 -16.18 -28.34
N TYR D 209 -18.51 -15.42 -28.33
CA TYR D 209 -18.51 -13.96 -28.27
C TYR D 209 -19.91 -13.49 -27.86
N PRO D 210 -19.99 -12.56 -26.88
CA PRO D 210 -18.88 -11.91 -26.18
C PRO D 210 -18.34 -12.74 -25.04
N ALA D 211 -17.36 -12.18 -24.32
CA ALA D 211 -16.59 -12.89 -23.29
C ALA D 211 -17.39 -13.34 -22.05
N ASP D 212 -18.63 -12.86 -21.93
CA ASP D 212 -19.48 -13.17 -20.78
C ASP D 212 -19.81 -14.64 -20.71
N ILE D 213 -19.29 -15.30 -19.69
CA ILE D 213 -19.39 -16.75 -19.61
C ILE D 213 -19.33 -17.29 -18.18
N THR D 214 -20.23 -18.22 -17.87
CA THR D 214 -20.27 -18.87 -16.57
C THR D 214 -20.10 -20.37 -16.77
N LEU D 215 -19.21 -20.97 -15.97
CA LEU D 215 -18.90 -22.39 -16.05
C LEU D 215 -19.07 -23.07 -14.70
N THR D 216 -20.01 -24.02 -14.60
CA THR D 216 -20.31 -24.63 -13.31
C THR D 216 -20.23 -26.16 -13.32
N TRP D 217 -19.53 -26.71 -12.34
CA TRP D 217 -19.53 -28.16 -12.08
C TRP D 217 -20.51 -28.51 -10.98
N GLN D 218 -21.09 -29.71 -11.04
CA GLN D 218 -22.05 -30.17 -10.05
C GLN D 218 -21.82 -31.63 -9.70
N GLY D 221 -24.83 -35.47 -7.21
CA GLY D 221 -25.36 -34.44 -6.32
C GLY D 221 -25.71 -33.21 -7.11
N GLU D 222 -25.44 -32.02 -6.57
CA GLU D 222 -25.53 -30.80 -7.37
C GLU D 222 -24.92 -29.53 -6.70
N GLU D 223 -24.59 -28.54 -7.53
CA GLU D 223 -24.26 -27.18 -7.09
C GLU D 223 -23.07 -26.94 -6.16
N LEU D 224 -21.96 -27.64 -6.41
CA LEU D 224 -20.71 -27.40 -5.67
C LEU D 224 -19.60 -26.81 -6.54
N THR D 225 -19.03 -25.71 -6.08
CA THR D 225 -17.92 -25.03 -6.74
C THR D 225 -16.72 -24.85 -5.81
N GLN D 226 -16.79 -25.49 -4.63
CA GLN D 226 -15.77 -25.33 -3.58
C GLN D 226 -14.33 -25.83 -3.84
N ASP D 227 -14.19 -27.03 -4.41
CA ASP D 227 -12.87 -27.57 -4.75
C ASP D 227 -12.39 -27.16 -6.14
N MET D 228 -13.31 -26.67 -6.98
CA MET D 228 -13.05 -26.41 -8.41
C MET D 228 -12.13 -25.22 -8.69
N GLU D 229 -11.48 -25.25 -9.85
CA GLU D 229 -10.46 -24.26 -10.20
C GLU D 229 -10.58 -23.93 -11.70
N LEU D 230 -10.82 -22.65 -12.02
CA LEU D 230 -11.00 -22.20 -13.41
C LEU D 230 -10.02 -21.09 -13.84
N VAL D 231 -10.02 -20.76 -15.13
CA VAL D 231 -9.04 -19.81 -15.67
C VAL D 231 -9.62 -18.52 -16.24
N GLU D 232 -8.76 -17.49 -16.25
CA GLU D 232 -9.04 -16.19 -16.83
C GLU D 232 -9.54 -16.33 -18.26
N THR D 233 -10.70 -15.74 -18.55
CA THR D 233 -11.22 -15.66 -19.92
C THR D 233 -10.19 -14.99 -20.83
N ARG D 234 -10.05 -15.50 -22.05
CA ARG D 234 -8.94 -15.14 -22.94
C ARG D 234 -9.37 -15.14 -24.39
N PRO D 235 -8.87 -14.17 -25.18
CA PRO D 235 -9.23 -14.08 -26.58
C PRO D 235 -8.64 -15.24 -27.36
N ALA D 236 -9.31 -15.70 -28.42
CA ALA D 236 -8.69 -16.72 -29.27
C ALA D 236 -7.62 -16.06 -30.14
N GLY D 237 -7.96 -14.87 -30.65
CA GLY D 237 -7.12 -14.13 -31.58
C GLY D 237 -7.83 -13.72 -32.85
N ASP D 238 -9.07 -14.18 -33.03
CA ASP D 238 -9.80 -14.02 -34.31
C ASP D 238 -11.06 -13.22 -34.10
N GLY D 239 -11.30 -12.82 -32.85
CA GLY D 239 -12.53 -12.15 -32.48
C GLY D 239 -13.14 -12.94 -31.34
N THR D 240 -13.00 -14.25 -31.40
CA THR D 240 -13.65 -15.14 -30.44
C THR D 240 -12.83 -15.28 -29.15
N PHE D 241 -13.35 -16.06 -28.19
CA PHE D 241 -12.78 -16.20 -26.84
C PHE D 241 -12.77 -17.64 -26.34
N GLN D 242 -12.06 -17.88 -25.25
CA GLN D 242 -11.95 -19.20 -24.61
C GLN D 242 -12.06 -19.09 -23.10
N LYS D 243 -12.45 -20.20 -22.44
CA LYS D 243 -12.41 -20.33 -20.97
C LYS D 243 -12.59 -21.82 -20.57
N TRP D 244 -11.88 -22.27 -19.53
CA TRP D 244 -12.07 -23.64 -19.00
C TRP D 244 -12.17 -23.74 -17.47
N ALA D 245 -12.95 -24.73 -17.02
CA ALA D 245 -13.22 -24.98 -15.59
C ALA D 245 -12.99 -26.45 -15.20
N SER D 246 -12.04 -26.68 -14.29
CA SER D 246 -11.65 -28.04 -13.91
C SER D 246 -12.10 -28.38 -12.50
N VAL D 247 -12.10 -29.68 -12.19
CA VAL D 247 -12.42 -30.19 -10.85
C VAL D 247 -11.75 -31.55 -10.65
N VAL D 248 -11.34 -31.87 -9.42
CA VAL D 248 -10.71 -33.18 -9.13
C VAL D 248 -11.71 -34.20 -8.60
N VAL D 249 -11.64 -35.42 -9.13
CA VAL D 249 -12.64 -36.48 -8.92
C VAL D 249 -11.92 -37.81 -8.61
N PRO D 250 -12.55 -38.70 -7.82
CA PRO D 250 -11.98 -40.06 -7.67
C PRO D 250 -12.20 -40.91 -8.92
N LEU D 251 -11.18 -41.66 -9.32
CA LEU D 251 -11.22 -42.48 -10.55
C LEU D 251 -12.42 -43.44 -10.58
N GLY D 252 -13.10 -43.48 -11.72
CA GLY D 252 -14.27 -44.32 -11.89
C GLY D 252 -15.55 -43.75 -11.28
N LYS D 253 -15.42 -42.66 -10.52
CA LYS D 253 -16.60 -42.02 -9.91
C LYS D 253 -17.04 -40.78 -10.71
N GLU D 254 -16.68 -40.79 -11.99
CA GLU D 254 -16.86 -39.62 -12.87
C GLU D 254 -18.29 -39.26 -13.28
N GLN D 255 -19.13 -40.25 -13.53
CA GLN D 255 -20.43 -40.03 -14.21
C GLN D 255 -21.41 -38.99 -13.63
N ASN D 256 -21.39 -38.80 -12.31
CA ASN D 256 -22.36 -37.91 -11.63
C ASN D 256 -22.24 -36.41 -11.91
N TYR D 257 -21.14 -35.99 -12.55
CA TYR D 257 -20.83 -34.57 -12.79
C TYR D 257 -21.34 -34.04 -14.14
N THR D 258 -22.03 -32.90 -14.08
CA THR D 258 -22.54 -32.21 -15.26
C THR D 258 -22.00 -30.78 -15.32
N CYS D 259 -21.37 -30.45 -16.45
CA CYS D 259 -20.83 -29.11 -16.68
C CYS D 259 -21.88 -28.21 -17.31
N ARG D 260 -22.20 -27.11 -16.65
CA ARG D 260 -23.21 -26.18 -17.13
C ARG D 260 -22.58 -24.94 -17.74
N VAL D 261 -23.09 -24.55 -18.90
CA VAL D 261 -22.55 -23.42 -19.64
C VAL D 261 -23.64 -22.36 -19.88
N TYR D 262 -23.34 -21.11 -19.56
CA TYR D 262 -24.29 -20.01 -19.71
C TYR D 262 -23.73 -18.86 -20.54
N HIS D 263 -24.30 -18.68 -21.73
CA HIS D 263 -23.91 -17.61 -22.63
C HIS D 263 -25.15 -16.97 -23.27
N GLU D 264 -25.04 -15.68 -23.55
CA GLU D 264 -26.13 -14.88 -24.12
C GLU D 264 -26.56 -15.39 -25.50
N GLY D 265 -25.60 -15.82 -26.31
CA GLY D 265 -25.89 -16.24 -27.69
C GLY D 265 -26.48 -17.62 -27.81
N LEU D 266 -26.79 -18.23 -26.66
CA LEU D 266 -27.33 -19.58 -26.61
C LEU D 266 -28.84 -19.62 -26.74
N PRO D 267 -29.38 -20.75 -27.24
CA PRO D 267 -30.82 -20.98 -27.13
C PRO D 267 -31.27 -21.23 -25.69
N GLU D 268 -30.43 -21.92 -24.90
CA GLU D 268 -30.73 -22.33 -23.53
C GLU D 268 -29.43 -22.86 -22.87
N PRO D 269 -29.35 -22.87 -21.53
CA PRO D 269 -28.19 -23.43 -20.84
C PRO D 269 -27.81 -24.82 -21.30
N LEU D 270 -26.52 -25.00 -21.61
CA LEU D 270 -26.00 -26.28 -22.08
C LEU D 270 -25.20 -26.96 -21.00
N THR D 271 -25.46 -28.25 -20.82
CA THR D 271 -24.73 -29.06 -19.86
C THR D 271 -24.21 -30.31 -20.56
N LEU D 272 -22.99 -30.70 -20.21
CA LEU D 272 -22.38 -31.90 -20.78
C LEU D 272 -21.52 -32.65 -19.77
N ARG D 273 -21.39 -33.96 -19.98
CA ARG D 273 -20.52 -34.81 -19.15
C ARG D 273 -19.48 -35.57 -19.98
N TRP D 274 -18.49 -36.14 -19.31
CA TRP D 274 -17.38 -36.75 -20.00
C TRP D 274 -17.83 -38.07 -20.58
N GLU D 275 -17.83 -38.13 -21.90
CA GLU D 275 -18.07 -39.38 -22.61
C GLU D 275 -16.78 -39.93 -23.23
N PRO D 276 -16.28 -41.06 -22.69
CA PRO D 276 -15.04 -41.65 -23.17
C PRO D 276 -15.17 -42.13 -24.60
N ILE E 1 4.30 -0.74 -4.34
CA ILE E 1 2.86 -0.35 -4.46
C ILE E 1 2.33 -0.55 -5.90
N GLN E 2 2.28 -1.82 -6.33
CA GLN E 2 1.91 -2.22 -7.71
C GLN E 2 1.43 -3.68 -7.87
N LYS E 3 1.00 -4.05 -9.09
CA LYS E 3 0.39 -5.37 -9.37
C LYS E 3 1.21 -6.20 -10.37
N THR E 4 1.55 -7.43 -9.97
CA THR E 4 2.24 -8.39 -10.86
C THR E 4 1.27 -8.94 -11.90
N PRO E 5 1.76 -9.14 -13.15
CA PRO E 5 0.93 -9.60 -14.28
C PRO E 5 0.43 -11.04 -14.16
N GLN E 6 -0.47 -11.42 -15.06
CA GLN E 6 -0.97 -12.79 -15.11
C GLN E 6 -0.78 -13.30 -16.53
N ILE E 7 -0.06 -14.40 -16.68
CA ILE E 7 0.29 -14.89 -18.00
C ILE E 7 -0.48 -16.15 -18.30
N GLN E 8 -0.84 -16.35 -19.56
CA GLN E 8 -1.40 -17.62 -20.01
C GLN E 8 -0.84 -17.85 -21.40
N VAL E 9 -0.23 -18.98 -21.63
CA VAL E 9 0.19 -19.35 -22.98
C VAL E 9 -0.77 -20.40 -23.51
N TYR E 10 -1.35 -20.15 -24.69
CA TYR E 10 -2.38 -21.01 -25.27
C TYR E 10 -2.46 -20.90 -26.81
N SER E 11 -3.20 -21.81 -27.45
CA SER E 11 -3.25 -21.86 -28.93
C SER E 11 -4.63 -21.48 -29.42
N ARG E 12 -4.71 -20.88 -30.60
CA ARG E 12 -6.00 -20.44 -31.14
C ARG E 12 -6.94 -21.62 -31.37
N HIS E 13 -6.49 -22.60 -32.14
CA HIS E 13 -7.26 -23.81 -32.42
C HIS E 13 -6.74 -25.01 -31.61
N PRO E 14 -7.62 -26.00 -31.31
CA PRO E 14 -7.11 -27.20 -30.64
C PRO E 14 -5.81 -27.66 -31.31
N PRO E 15 -4.77 -27.95 -30.52
CA PRO E 15 -3.49 -28.30 -31.13
C PRO E 15 -3.47 -29.71 -31.71
N GLU E 16 -2.57 -29.90 -32.68
CA GLU E 16 -2.34 -31.15 -33.36
C GLU E 16 -0.92 -31.05 -33.88
N ASN E 17 -0.10 -32.06 -33.61
CA ASN E 17 1.30 -32.04 -34.02
C ASN E 17 1.40 -31.89 -35.54
N GLY E 18 2.52 -31.38 -36.03
CA GLY E 18 2.76 -31.23 -37.46
C GLY E 18 1.94 -30.15 -38.16
N LYS E 19 0.94 -29.63 -37.46
CA LYS E 19 -0.12 -28.83 -38.09
C LYS E 19 -0.11 -27.40 -37.59
N PRO E 20 0.00 -26.43 -38.47
CA PRO E 20 0.19 -25.03 -38.08
C PRO E 20 -0.96 -24.40 -37.30
N ASN E 21 -0.55 -23.55 -36.36
CA ASN E 21 -1.42 -22.93 -35.38
C ASN E 21 -0.73 -21.68 -34.84
N ILE E 22 -1.45 -20.87 -34.08
CA ILE E 22 -0.90 -19.65 -33.52
C ILE E 22 -0.78 -19.73 -32.00
N LEU E 23 0.35 -19.26 -31.46
CA LEU E 23 0.58 -19.25 -30.01
C LEU E 23 0.24 -17.90 -29.42
N ASN E 24 -0.59 -17.88 -28.39
CA ASN E 24 -0.99 -16.63 -27.73
C ASN E 24 -0.42 -16.63 -26.35
N CYS E 25 0.44 -15.66 -26.06
CA CYS E 25 0.84 -15.40 -24.70
C CYS E 25 0.09 -14.16 -24.22
N TYR E 26 -0.65 -14.29 -23.12
CA TYR E 26 -1.67 -13.29 -22.77
C TYR E 26 -1.34 -12.77 -21.41
N VAL E 27 -1.09 -11.49 -21.30
CA VAL E 27 -0.50 -11.01 -20.07
C VAL E 27 -1.41 -9.96 -19.60
N THR E 28 -1.83 -10.04 -18.35
CA THR E 28 -2.94 -9.18 -17.91
C THR E 28 -2.75 -8.74 -16.48
N GLN E 29 -3.46 -7.70 -16.09
CA GLN E 29 -3.43 -7.16 -14.73
C GLN E 29 -2.14 -6.56 -14.17
N PHE E 30 -1.41 -5.83 -14.99
CA PHE E 30 -0.18 -5.16 -14.54
C PHE E 30 -0.35 -3.64 -14.47
N HIS E 31 0.62 -2.98 -13.86
CA HIS E 31 0.75 -1.56 -13.90
C HIS E 31 2.15 -1.27 -13.42
N PRO E 32 2.89 -0.30 -13.93
CA PRO E 32 2.66 0.54 -15.12
C PRO E 32 2.38 -0.24 -16.42
N PRO E 33 1.75 0.42 -17.43
CA PRO E 33 1.49 -0.19 -18.73
C PRO E 33 2.73 -0.68 -19.47
N HIS E 34 3.83 0.08 -19.44
CA HIS E 34 5.08 -0.34 -20.09
C HIS E 34 5.50 -1.71 -19.63
N ILE E 35 5.51 -2.65 -20.58
CA ILE E 35 5.79 -4.06 -20.29
C ILE E 35 6.85 -4.60 -21.25
N GLU E 36 7.23 -5.86 -21.10
CA GLU E 36 7.99 -6.55 -22.17
C GLU E 36 7.52 -8.00 -22.31
N ILE E 37 7.40 -8.49 -23.54
CA ILE E 37 7.11 -9.88 -23.73
C ILE E 37 8.08 -10.42 -24.78
N GLN E 38 8.71 -11.56 -24.45
CA GLN E 38 9.55 -12.36 -25.34
C GLN E 38 8.73 -13.61 -25.61
N MET E 39 8.87 -14.22 -26.78
CA MET E 39 8.35 -15.56 -26.97
C MET E 39 9.46 -16.50 -27.37
N LEU E 40 9.36 -17.78 -27.01
CA LEU E 40 10.47 -18.73 -27.15
C LEU E 40 10.12 -20.10 -27.71
N LYS E 41 10.90 -20.51 -28.71
CA LYS E 41 10.96 -21.87 -29.21
C LYS E 41 12.31 -22.43 -28.78
N ASN E 42 12.27 -23.44 -27.93
CA ASN E 42 13.46 -24.10 -27.45
C ASN E 42 14.45 -23.09 -26.90
N GLY E 43 13.98 -22.30 -25.93
CA GLY E 43 14.81 -21.27 -25.27
C GLY E 43 15.26 -20.15 -26.20
N LYS E 44 14.91 -20.24 -27.48
CA LYS E 44 15.39 -19.27 -28.43
C LYS E 44 14.30 -18.30 -28.87
N LYS E 45 14.71 -17.10 -29.26
CA LYS E 45 13.78 -15.99 -29.54
C LYS E 45 13.10 -16.06 -30.89
N ILE E 46 11.79 -15.78 -30.90
CA ILE E 46 10.95 -15.70 -32.11
C ILE E 46 10.99 -14.27 -32.69
N PRO E 47 11.58 -14.12 -33.89
CA PRO E 47 11.92 -12.86 -34.59
C PRO E 47 10.85 -11.75 -34.61
N LYS E 48 9.61 -12.12 -34.86
CA LYS E 48 8.57 -11.18 -35.23
C LYS E 48 7.21 -11.41 -34.55
N VAL E 49 7.13 -11.13 -33.27
CA VAL E 49 5.92 -11.42 -32.51
C VAL E 49 4.94 -10.28 -32.74
N GLU E 50 3.69 -10.65 -33.02
CA GLU E 50 2.61 -9.68 -33.15
C GLU E 50 2.01 -9.31 -31.81
N MET E 51 1.69 -8.02 -31.65
CA MET E 51 1.50 -7.39 -30.34
C MET E 51 0.25 -6.51 -30.31
N SER E 52 -0.57 -6.70 -29.28
CA SER E 52 -1.83 -5.97 -29.12
C SER E 52 -1.58 -4.57 -28.59
N ASP E 53 -2.27 -3.59 -29.15
CA ASP E 53 -2.17 -2.20 -28.72
C ASP E 53 -2.52 -1.98 -27.24
N MET E 54 -1.87 -0.99 -26.60
CA MET E 54 -2.09 -0.68 -25.17
C MET E 54 -3.59 -0.55 -24.86
N SER E 55 -4.06 -1.27 -23.85
CA SER E 55 -5.47 -1.22 -23.42
C SER E 55 -5.59 -1.61 -21.94
N PHE E 56 -6.37 -0.86 -21.17
CA PHE E 56 -6.52 -1.16 -19.75
C PHE E 56 -7.99 -1.39 -19.33
N SER E 57 -8.17 -2.27 -18.34
CA SER E 57 -9.46 -2.71 -17.84
C SER E 57 -10.03 -1.77 -16.81
N LYS E 58 -11.33 -1.98 -16.48
CA LYS E 58 -12.08 -1.10 -15.60
C LYS E 58 -11.61 -1.12 -14.16
N ASP E 59 -10.81 -2.12 -13.81
CA ASP E 59 -10.06 -2.10 -12.57
C ASP E 59 -8.71 -1.35 -12.73
N TRP E 60 -8.54 -0.65 -13.85
CA TRP E 60 -7.44 0.30 -14.01
C TRP E 60 -6.09 -0.31 -14.46
N SER E 61 -6.11 -1.64 -14.57
CA SER E 61 -4.94 -2.43 -14.86
C SER E 61 -4.89 -2.77 -16.35
N PHE E 62 -3.70 -3.10 -16.85
CA PHE E 62 -3.46 -3.24 -18.28
C PHE E 62 -3.42 -4.70 -18.69
N TYR E 63 -3.41 -4.92 -20.00
CA TYR E 63 -3.29 -6.23 -20.58
C TYR E 63 -2.81 -6.07 -22.01
N ILE E 64 -1.87 -6.92 -22.41
CA ILE E 64 -1.41 -6.97 -23.80
C ILE E 64 -1.67 -8.40 -24.23
N LEU E 65 -1.88 -8.66 -25.53
CA LEU E 65 -1.96 -10.04 -26.02
C LEU E 65 -0.99 -10.26 -27.17
N ALA E 66 -0.12 -11.24 -27.02
CA ALA E 66 0.96 -11.39 -27.98
C ALA E 66 0.72 -12.71 -28.66
N HIS E 67 1.15 -12.82 -29.91
CA HIS E 67 0.92 -14.05 -30.68
C HIS E 67 1.88 -14.12 -31.87
N THR E 68 2.22 -15.36 -32.24
CA THR E 68 2.91 -15.72 -33.48
C THR E 68 2.34 -17.04 -33.97
N GLU E 69 2.45 -17.27 -35.28
CA GLU E 69 2.30 -18.59 -35.90
C GLU E 69 3.33 -19.58 -35.33
N PHE E 70 2.90 -20.84 -35.18
CA PHE E 70 3.78 -21.93 -34.78
C PHE E 70 3.17 -23.25 -35.25
N THR E 71 3.92 -24.33 -35.06
CA THR E 71 3.46 -25.67 -35.39
C THR E 71 3.88 -26.58 -34.26
N PRO E 72 2.91 -27.21 -33.64
CA PRO E 72 3.23 -28.08 -32.52
C PRO E 72 3.94 -29.34 -32.99
N THR E 73 4.86 -29.81 -32.17
CA THR E 73 5.53 -31.04 -32.46
C THR E 73 5.55 -31.79 -31.13
N GLU E 74 5.83 -33.08 -31.16
CA GLU E 74 6.00 -33.84 -29.91
C GLU E 74 7.06 -33.25 -28.99
N THR E 75 8.05 -32.58 -29.57
CA THR E 75 9.34 -32.43 -28.91
C THR E 75 9.95 -31.03 -28.76
N ASP E 76 9.52 -30.07 -29.58
CA ASP E 76 9.93 -28.67 -29.46
C ASP E 76 9.31 -27.98 -28.23
N THR E 77 10.03 -27.04 -27.63
CA THR E 77 9.46 -26.30 -26.48
C THR E 77 9.03 -24.89 -26.82
N TYR E 78 7.96 -24.46 -26.16
CA TYR E 78 7.37 -23.19 -26.44
C TYR E 78 7.02 -22.46 -25.14
N ALA E 79 7.80 -21.44 -24.83
CA ALA E 79 7.58 -20.64 -23.65
C ALA E 79 7.44 -19.15 -23.95
N CYS E 80 6.80 -18.42 -23.04
CA CYS E 80 6.64 -16.96 -23.11
C CYS E 80 7.25 -16.30 -21.89
N ARG E 81 8.05 -15.25 -22.09
CA ARG E 81 8.80 -14.62 -21.01
C ARG E 81 8.41 -13.16 -20.85
N VAL E 82 8.14 -12.76 -19.62
CA VAL E 82 7.53 -11.47 -19.33
C VAL E 82 8.37 -10.67 -18.34
N LYS E 83 8.54 -9.40 -18.64
CA LYS E 83 9.37 -8.56 -17.80
C LYS E 83 8.62 -7.28 -17.55
N HIS E 84 8.58 -6.93 -16.27
CA HIS E 84 7.75 -5.85 -15.79
C HIS E 84 8.18 -5.39 -14.39
N ASP E 85 8.18 -4.08 -14.18
CA ASP E 85 8.61 -3.45 -12.93
C ASP E 85 8.15 -4.09 -11.62
N SER E 86 6.94 -4.64 -11.60
CA SER E 86 6.38 -5.22 -10.38
C SER E 86 7.02 -6.55 -10.03
N MET E 87 8.08 -6.93 -10.76
CA MET E 87 8.77 -8.23 -10.56
C MET E 87 10.28 -8.09 -10.39
N ALA E 88 10.82 -8.84 -9.43
CA ALA E 88 12.26 -8.86 -9.18
C ALA E 88 13.05 -9.26 -10.44
N GLU E 89 12.71 -10.41 -11.01
CA GLU E 89 13.34 -10.89 -12.22
C GLU E 89 12.31 -11.43 -13.21
N PRO E 90 12.71 -11.61 -14.49
CA PRO E 90 11.78 -12.00 -15.55
C PRO E 90 11.12 -13.35 -15.30
N LYS E 91 9.82 -13.40 -15.50
CA LYS E 91 9.05 -14.61 -15.26
C LYS E 91 8.81 -15.31 -16.60
N THR E 92 8.67 -16.63 -16.57
CA THR E 92 8.56 -17.47 -17.79
C THR E 92 7.52 -18.56 -17.64
N VAL E 93 6.52 -18.59 -18.51
CA VAL E 93 5.56 -19.71 -18.46
C VAL E 93 5.53 -20.52 -19.75
N TYR E 94 5.62 -21.85 -19.59
CA TYR E 94 5.76 -22.78 -20.69
C TYR E 94 4.41 -23.26 -21.22
N TRP E 95 4.34 -23.51 -22.53
CA TRP E 95 3.08 -23.89 -23.17
C TRP E 95 2.78 -25.33 -22.88
N ASP E 96 1.58 -25.56 -22.34
CA ASP E 96 1.15 -26.89 -22.04
C ASP E 96 -0.12 -27.18 -22.84
N ARG E 97 -0.06 -28.14 -23.76
CA ARG E 97 -1.17 -28.41 -24.69
C ARG E 97 -2.51 -28.75 -24.04
N ASP E 98 -2.48 -29.18 -22.78
CA ASP E 98 -3.66 -29.61 -22.07
C ASP E 98 -4.38 -28.44 -21.43
N MET E 99 -3.79 -27.26 -21.54
CA MET E 99 -4.32 -26.04 -20.93
C MET E 99 -4.41 -24.89 -21.91
N GLU F 1 -17.80 10.43 -29.61
CA GLU F 1 -16.99 11.64 -29.35
C GLU F 1 -16.58 11.74 -27.88
N GLY F 2 -15.26 11.84 -27.67
CA GLY F 2 -14.61 11.95 -26.34
C GLY F 2 -14.92 13.25 -25.64
N PRO F 3 -14.87 13.27 -24.29
CA PRO F 3 -15.15 14.52 -23.57
C PRO F 3 -13.97 15.50 -23.56
N ARG F 4 -14.27 16.79 -23.46
CA ARG F 4 -13.24 17.75 -23.22
C ARG F 4 -13.20 18.05 -21.74
N ASN F 5 -12.10 17.66 -21.08
CA ASN F 5 -11.92 17.96 -19.65
C ASN F 5 -11.95 19.45 -19.33
N GLN F 6 -12.76 19.84 -18.35
CA GLN F 6 -12.81 21.22 -17.93
C GLN F 6 -11.52 21.61 -17.13
N ASP F 7 -11.69 22.27 -15.99
CA ASP F 7 -10.57 22.59 -15.14
C ASP F 7 -9.74 21.32 -14.83
N TRP F 8 -8.45 21.56 -14.61
CA TRP F 8 -7.46 20.55 -14.36
C TRP F 8 -7.65 20.04 -12.98
N LEU F 9 -7.05 18.92 -12.67
CA LEU F 9 -6.89 18.51 -11.31
C LEU F 9 -5.89 19.41 -10.60
#